data_7BLF
#
_entry.id   7BLF
#
_cell.length_a   62.040
_cell.length_b   92.061
_cell.length_c   161.998
_cell.angle_alpha   90.000
_cell.angle_beta   90.000
_cell.angle_gamma   90.000
#
_symmetry.space_group_name_H-M   'P 21 2 21'
#
loop_
_entity.id
_entity.type
_entity.pdbx_description
1 polymer 'Oxidored_FMN domain-containing protein'
2 non-polymer 'FLAVIN MONONUCLEOTIDE'
3 non-polymer 'FORMIC ACID'
4 water water
#
_entity_poly.entity_id   1
_entity_poly.type   'polypeptide(L)'
_entity_poly.pdbx_seq_one_letter_code
;HHHHHHSSGLVPRGSHMSTPTPHPQHGVPCGTSTPRPGLLNTPAPGVPFYTPLQSPPSGTALHLSPSTPKLFTPLKIRSL
TLQNRIMLSPMCQYSASNGHFTPWHMAHLGGIISRGPGLSMVEATSVLPEGRITPEDSGLWLDSQGDKLKEVVQFAHSQG
QLIGIQLSHAGRKASMVAPWLDRSAVATEEAGGWPTKVKGPSAIPYDEHHYKPSAMTLEDIQEFKDAWAASLKRALKAGF
DVIEIHNAHGYLLHEFVSPVSNKRTDQYGGSFENRIRLTLEIVEITRKIIPESMPLFLRISATDWLDYEGFGEESWTVAD
SARLAGILADRGVDLMDVSSGANHPRQKITAGLGYQAPFAKEIKRVVGERMLVGTVGMIGSGRQAEGLLSGMGGERGVDE
GEEEEGKGTELDLVIVARGFQKNPGLVWEWAEELGVRIMVAHQMRWGFRGKAGGH
;
_entity_poly.pdbx_strand_id   A,B
#
loop_
_chem_comp.id
_chem_comp.type
_chem_comp.name
_chem_comp.formula
FMN non-polymer 'FLAVIN MONONUCLEOTIDE' 'C17 H21 N4 O9 P'
FMT non-polymer 'FORMIC ACID' 'C H2 O2'
#
# COMPACT_ATOMS: atom_id res chain seq x y z
N LEU A 40 28.15 -13.92 40.20
CA LEU A 40 28.82 -14.64 39.11
C LEU A 40 28.25 -14.29 37.75
N ASN A 41 29.14 -13.98 36.80
CA ASN A 41 28.71 -13.63 35.45
C ASN A 41 28.67 -14.91 34.63
N THR A 42 27.62 -15.69 34.85
CA THR A 42 27.57 -17.08 34.44
C THR A 42 27.88 -17.24 32.97
N PRO A 43 28.71 -18.21 32.58
CA PRO A 43 28.97 -18.44 31.15
C PRO A 43 27.85 -19.21 30.47
N ALA A 44 27.65 -18.91 29.19
CA ALA A 44 26.71 -19.67 28.39
C ALA A 44 27.31 -21.05 28.08
N PRO A 45 26.59 -22.14 28.30
CA PRO A 45 27.18 -23.48 28.12
C PRO A 45 27.27 -23.87 26.65
N GLY A 46 28.15 -24.85 26.38
CA GLY A 46 28.20 -25.50 25.08
C GLY A 46 28.88 -24.75 23.94
N VAL A 47 29.62 -23.68 24.21
CA VAL A 47 30.29 -22.99 23.11
C VAL A 47 31.76 -22.78 23.50
N PRO A 48 32.66 -22.68 22.54
CA PRO A 48 34.09 -22.66 22.85
C PRO A 48 34.66 -21.29 23.17
N PHE A 49 33.81 -20.35 23.59
CA PHE A 49 34.28 -19.05 24.05
C PHE A 49 33.37 -18.59 25.19
N TYR A 50 33.92 -17.75 26.06
CA TYR A 50 33.15 -17.23 27.18
C TYR A 50 32.18 -16.15 26.70
N THR A 51 30.94 -16.22 27.17
CA THR A 51 30.00 -15.11 27.01
C THR A 51 28.87 -15.26 28.03
N PRO A 52 28.30 -14.15 28.52
CA PRO A 52 27.27 -14.25 29.56
C PRO A 52 26.04 -15.02 29.08
N LEU A 53 25.55 -15.91 29.94
CA LEU A 53 24.31 -16.63 29.71
C LEU A 53 23.15 -15.65 29.59
N GLN A 54 22.31 -15.83 28.57
CA GLN A 54 21.05 -15.09 28.42
C GLN A 54 19.91 -16.03 28.78
N SER A 55 19.42 -15.95 30.03
CA SER A 55 18.34 -16.82 30.51
C SER A 55 17.23 -15.94 31.09
N PRO A 56 16.02 -15.95 30.52
CA PRO A 56 15.71 -16.61 29.26
C PRO A 56 16.26 -15.83 28.06
N PRO A 57 16.20 -16.41 26.86
CA PRO A 57 16.81 -15.73 25.70
C PRO A 57 16.09 -14.44 25.35
N SER A 58 16.79 -13.59 24.61
CA SER A 58 16.24 -12.31 24.21
C SER A 58 15.00 -12.53 23.35
N GLY A 59 14.03 -11.65 23.48
CA GLY A 59 12.80 -11.79 22.73
C GLY A 59 11.72 -12.59 23.40
N THR A 60 11.96 -13.07 24.62
CA THR A 60 11.00 -13.86 25.39
C THR A 60 10.09 -12.96 26.21
N ALA A 61 8.78 -13.14 26.07
CA ALA A 61 7.85 -12.36 26.89
C ALA A 61 8.05 -12.68 28.37
N LEU A 62 8.16 -11.64 29.20
CA LEU A 62 8.49 -11.85 30.61
C LEU A 62 7.28 -12.26 31.46
N HIS A 63 6.07 -11.88 31.06
CA HIS A 63 4.88 -12.20 31.84
C HIS A 63 3.86 -12.75 30.86
N LEU A 64 4.03 -14.01 30.47
CA LEU A 64 3.14 -14.64 29.51
C LEU A 64 1.79 -14.90 30.17
N SER A 65 0.71 -14.50 29.51
CA SER A 65 -0.63 -14.76 30.03
C SER A 65 -1.63 -14.80 28.88
N PRO A 66 -2.89 -15.09 29.14
CA PRO A 66 -3.86 -15.13 28.03
C PRO A 66 -4.01 -13.81 27.29
N SER A 67 -3.59 -12.69 27.88
CA SER A 67 -3.69 -11.41 27.18
C SER A 67 -2.45 -11.10 26.35
N THR A 68 -1.37 -11.87 26.48
CA THR A 68 -0.17 -11.66 25.67
C THR A 68 -0.52 -11.77 24.18
N PRO A 69 -0.12 -10.78 23.36
CA PRO A 69 -0.35 -10.90 21.92
C PRO A 69 0.24 -12.19 21.37
N LYS A 70 -0.46 -12.80 20.42
CA LYS A 70 0.00 -14.05 19.83
C LYS A 70 1.42 -13.91 19.27
N LEU A 71 1.78 -12.70 18.84
CA LEU A 71 3.10 -12.47 18.24
C LEU A 71 4.23 -12.78 19.20
N PHE A 72 3.98 -12.61 20.50
CA PHE A 72 4.98 -12.87 21.56
C PHE A 72 4.62 -14.14 22.35
N THR A 73 3.81 -14.99 21.74
CA THR A 73 3.46 -16.28 22.35
C THR A 73 4.44 -17.34 21.81
N PRO A 74 4.93 -18.33 22.61
CA PRO A 74 5.78 -19.36 22.06
C PRO A 74 5.13 -20.25 21.00
N LEU A 75 5.93 -20.94 20.18
CA LEU A 75 5.45 -21.78 19.10
C LEU A 75 6.30 -23.04 19.10
N LYS A 76 5.66 -24.20 19.31
CA LYS A 76 6.36 -25.49 19.26
C LYS A 76 6.45 -26.00 17.82
N ILE A 77 7.62 -26.51 17.44
CA ILE A 77 7.81 -27.12 16.14
C ILE A 77 8.75 -28.31 16.37
N ARG A 78 8.21 -29.52 16.23
CA ARG A 78 8.93 -30.74 16.55
C ARG A 78 9.61 -30.52 17.90
N SER A 79 10.91 -30.74 18.00
CA SER A 79 11.61 -30.66 19.31
C SER A 79 11.86 -29.22 19.76
N LEU A 80 11.64 -28.25 18.90
CA LEU A 80 12.00 -26.85 19.25
C LEU A 80 10.85 -26.01 19.77
N THR A 81 11.18 -24.94 20.49
CA THR A 81 10.19 -23.96 20.96
C THR A 81 10.73 -22.56 20.63
N LEU A 82 10.15 -21.89 19.64
CA LEU A 82 10.52 -20.50 19.33
C LEU A 82 9.91 -19.63 20.42
N GLN A 83 10.65 -18.64 20.91
CA GLN A 83 10.16 -17.85 22.03
C GLN A 83 9.21 -16.75 21.59
N ASN A 84 9.17 -16.51 20.29
CA ASN A 84 8.21 -15.55 19.71
C ASN A 84 7.91 -16.01 18.28
N ARG A 85 7.06 -15.28 17.58
CA ARG A 85 6.64 -15.68 16.22
C ARG A 85 7.17 -14.72 15.17
N ILE A 86 8.35 -14.16 15.40
CA ILE A 86 8.99 -13.25 14.47
C ILE A 86 10.24 -13.97 13.98
N MET A 87 10.30 -14.26 12.68
CA MET A 87 11.45 -14.93 12.09
C MET A 87 12.24 -13.96 11.22
N LEU A 88 13.56 -13.96 11.37
CA LEU A 88 14.41 -13.24 10.44
C LEU A 88 14.39 -13.94 9.09
N SER A 89 13.90 -13.26 8.06
CA SER A 89 13.82 -13.89 6.76
C SER A 89 15.24 -14.08 6.18
N PRO A 90 15.46 -15.12 5.39
CA PRO A 90 16.76 -15.26 4.73
C PRO A 90 17.02 -14.07 3.82
N MET A 91 18.26 -13.55 3.86
CA MET A 91 18.63 -12.40 3.03
C MET A 91 20.05 -12.57 2.50
N CYS A 92 20.17 -12.85 1.19
N CYS A 92 20.23 -12.77 1.18
CA CYS A 92 21.46 -12.88 0.52
CA CYS A 92 21.52 -12.80 0.51
C CYS A 92 22.20 -11.57 0.77
C CYS A 92 22.26 -11.49 0.76
N GLN A 93 23.50 -11.69 1.05
CA GLN A 93 24.38 -10.56 1.30
C GLN A 93 25.36 -10.33 0.15
N TYR A 94 25.50 -11.30 -0.76
CA TYR A 94 26.43 -11.18 -1.88
C TYR A 94 27.80 -10.74 -1.38
N SER A 95 28.24 -11.32 -0.27
CA SER A 95 29.52 -10.92 0.32
C SER A 95 30.39 -12.13 0.63
N ALA A 96 30.12 -13.27 0.02
CA ALA A 96 30.88 -14.47 0.35
C ALA A 96 32.15 -14.55 -0.49
N SER A 97 33.07 -15.36 -0.02
CA SER A 97 34.37 -15.58 -0.64
C SER A 97 34.41 -17.05 -1.06
N ASN A 98 34.16 -17.33 -2.34
CA ASN A 98 34.13 -18.70 -2.82
C ASN A 98 33.15 -19.51 -1.96
N GLY A 99 31.98 -18.95 -1.74
CA GLY A 99 30.93 -19.56 -0.95
C GLY A 99 31.10 -19.47 0.55
N HIS A 100 32.23 -18.94 1.03
CA HIS A 100 32.51 -18.93 2.48
C HIS A 100 31.97 -17.65 3.11
N PHE A 101 31.34 -17.81 4.29
CA PHE A 101 31.08 -16.66 5.15
C PHE A 101 32.39 -15.98 5.55
N THR A 102 32.26 -14.69 5.90
CA THR A 102 33.35 -13.84 6.35
C THR A 102 32.93 -13.06 7.60
N PRO A 103 33.77 -12.15 8.10
CA PRO A 103 33.33 -11.32 9.23
C PRO A 103 32.11 -10.45 8.92
N TRP A 104 31.86 -10.13 7.65
CA TRP A 104 30.64 -9.42 7.29
C TRP A 104 29.40 -10.18 7.77
N HIS A 105 29.39 -11.50 7.59
CA HIS A 105 28.19 -12.24 7.96
C HIS A 105 28.02 -12.31 9.46
N MET A 106 29.13 -12.40 10.20
CA MET A 106 29.04 -12.38 11.65
C MET A 106 28.45 -11.07 12.16
N ALA A 107 28.87 -9.94 11.57
CA ALA A 107 28.37 -8.66 12.04
C ALA A 107 26.90 -8.47 11.69
N HIS A 108 26.50 -8.94 10.51
CA HIS A 108 25.11 -8.81 10.07
C HIS A 108 24.18 -9.75 10.85
N LEU A 109 24.43 -11.07 10.76
CA LEU A 109 23.57 -12.03 11.48
C LEU A 109 23.72 -11.89 12.98
N GLY A 110 24.96 -11.81 13.48
CA GLY A 110 25.15 -11.76 14.92
C GLY A 110 24.48 -10.56 15.56
N GLY A 111 24.48 -9.43 14.86
CA GLY A 111 23.79 -8.25 15.39
C GLY A 111 22.30 -8.41 15.48
N ILE A 112 21.69 -9.16 14.56
CA ILE A 112 20.24 -9.38 14.62
C ILE A 112 19.91 -10.46 15.63
N ILE A 113 20.69 -11.54 15.65
CA ILE A 113 20.38 -12.70 16.45
C ILE A 113 20.45 -12.37 17.94
N SER A 114 21.40 -11.53 18.33
CA SER A 114 21.48 -11.09 19.71
C SER A 114 20.28 -10.25 20.15
N ARG A 115 19.35 -9.94 19.22
CA ARG A 115 18.18 -9.15 19.56
C ARG A 115 16.89 -9.96 19.42
N GLY A 116 17.02 -11.28 19.37
CA GLY A 116 15.96 -12.17 19.75
C GLY A 116 14.82 -12.46 18.78
N PRO A 117 15.10 -12.61 17.49
CA PRO A 117 14.07 -13.22 16.62
C PRO A 117 13.78 -14.63 17.11
N GLY A 118 12.51 -15.02 17.07
CA GLY A 118 12.16 -16.37 17.45
C GLY A 118 12.99 -17.41 16.71
N LEU A 119 13.19 -17.22 15.42
CA LEU A 119 14.08 -18.06 14.62
C LEU A 119 14.80 -17.15 13.63
N SER A 120 16.08 -17.44 13.38
CA SER A 120 16.89 -16.66 12.43
C SER A 120 17.36 -17.57 11.31
N MET A 121 17.02 -17.16 10.09
CA MET A 121 17.34 -18.00 8.91
C MET A 121 18.49 -17.41 8.09
N VAL A 122 19.52 -18.22 7.86
CA VAL A 122 20.68 -17.84 7.01
C VAL A 122 20.25 -17.80 5.55
N GLU A 123 20.90 -16.98 4.75
CA GLU A 123 20.56 -16.75 3.34
C GLU A 123 20.60 -18.00 2.48
N ALA A 124 20.03 -17.89 1.27
CA ALA A 124 20.07 -18.98 0.28
C ALA A 124 21.50 -19.46 0.10
N THR A 125 21.71 -20.74 0.29
CA THR A 125 23.07 -21.31 0.25
C THR A 125 23.06 -22.41 -0.82
N SER A 126 23.87 -22.23 -1.85
CA SER A 126 23.90 -23.20 -2.96
C SER A 126 24.55 -24.53 -2.58
N VAL A 127 23.90 -25.62 -2.97
CA VAL A 127 24.51 -26.93 -2.76
C VAL A 127 25.56 -27.27 -3.81
N LEU A 128 25.67 -26.48 -4.87
CA LEU A 128 26.67 -26.68 -5.93
C LEU A 128 27.22 -25.34 -6.38
N PRO A 129 28.49 -25.29 -6.80
CA PRO A 129 29.03 -24.01 -7.29
C PRO A 129 28.16 -23.37 -8.36
N GLU A 130 27.73 -24.13 -9.36
CA GLU A 130 26.98 -23.50 -10.44
C GLU A 130 25.56 -23.14 -10.04
N GLY A 131 25.13 -23.49 -8.84
CA GLY A 131 23.84 -23.11 -8.29
C GLY A 131 23.80 -21.74 -7.63
N ARG A 132 24.93 -21.04 -7.56
CA ARG A 132 24.94 -19.74 -6.91
C ARG A 132 24.21 -18.68 -7.73
N ILE A 133 23.50 -17.79 -7.04
CA ILE A 133 22.93 -16.65 -7.74
C ILE A 133 24.04 -15.76 -8.32
N THR A 134 25.11 -15.49 -7.55
CA THR A 134 26.25 -14.73 -8.06
C THR A 134 27.59 -15.33 -7.60
N PRO A 135 28.72 -14.82 -8.09
CA PRO A 135 30.02 -15.33 -7.60
C PRO A 135 30.27 -15.01 -6.13
N GLU A 136 29.45 -14.19 -5.48
CA GLU A 136 29.63 -13.92 -4.06
C GLU A 136 28.52 -14.52 -3.19
N ASP A 137 27.78 -15.50 -3.71
CA ASP A 137 26.74 -16.17 -2.94
C ASP A 137 27.31 -17.15 -1.93
N SER A 138 26.52 -17.37 -0.87
CA SER A 138 26.84 -18.41 0.10
C SER A 138 26.77 -19.80 -0.55
N GLY A 139 27.64 -20.71 -0.13
CA GLY A 139 27.68 -22.05 -0.67
C GLY A 139 27.94 -23.08 0.40
N LEU A 140 27.64 -24.34 0.08
CA LEU A 140 27.90 -25.44 1.00
C LEU A 140 28.25 -26.74 0.25
N TRP A 141 29.06 -26.64 -0.81
CA TRP A 141 29.66 -27.79 -1.46
C TRP A 141 31.01 -28.19 -0.87
N LEU A 142 31.52 -27.43 0.12
CA LEU A 142 32.82 -27.73 0.74
C LEU A 142 32.67 -27.85 2.25
N ASP A 143 33.43 -28.79 2.85
CA ASP A 143 33.46 -28.89 4.31
C ASP A 143 33.91 -27.58 4.95
N SER A 144 34.84 -26.88 4.31
CA SER A 144 35.33 -25.64 4.87
C SER A 144 34.25 -24.57 4.90
N GLN A 145 33.30 -24.60 3.97
CA GLN A 145 32.18 -23.67 4.06
C GLN A 145 31.33 -23.97 5.29
N GLY A 146 31.19 -25.25 5.63
CA GLY A 146 30.44 -25.62 6.82
C GLY A 146 31.11 -25.13 8.09
N ASP A 147 32.45 -25.21 8.14
CA ASP A 147 33.19 -24.73 9.30
C ASP A 147 33.05 -23.22 9.49
N LYS A 148 32.90 -22.45 8.40
CA LYS A 148 32.68 -21.02 8.58
C LYS A 148 31.26 -20.74 9.07
N LEU A 149 30.28 -21.49 8.55
CA LEU A 149 28.90 -21.41 9.05
C LEU A 149 28.83 -21.73 10.53
N LYS A 150 29.62 -22.71 10.98
CA LYS A 150 29.55 -23.13 12.38
C LYS A 150 29.83 -21.97 13.33
N GLU A 151 30.76 -21.08 12.96
CA GLU A 151 31.05 -19.94 13.82
C GLU A 151 29.81 -19.14 14.12
N VAL A 152 28.93 -18.99 13.13
CA VAL A 152 27.72 -18.22 13.33
C VAL A 152 26.71 -19.00 14.17
N VAL A 153 26.61 -20.33 14.02
CA VAL A 153 25.61 -20.98 14.84
C VAL A 153 26.09 -21.10 16.26
N GLN A 154 27.40 -21.23 16.48
CA GLN A 154 27.91 -21.17 17.85
C GLN A 154 27.59 -19.82 18.51
N PHE A 155 27.71 -18.72 17.77
CA PHE A 155 27.28 -17.46 18.39
C PHE A 155 25.78 -17.47 18.68
N ALA A 156 24.98 -17.92 17.71
CA ALA A 156 23.54 -18.01 17.91
C ALA A 156 23.21 -18.83 19.16
N HIS A 157 23.85 -19.99 19.33
CA HIS A 157 23.55 -20.87 20.47
C HIS A 157 24.09 -20.32 21.78
N SER A 158 25.21 -19.60 21.74
CA SER A 158 25.71 -18.90 22.94
C SER A 158 24.69 -17.90 23.45
N GLN A 159 23.73 -17.49 22.62
CA GLN A 159 22.67 -16.58 23.02
C GLN A 159 21.38 -17.30 23.30
N GLY A 160 21.36 -18.63 23.21
CA GLY A 160 20.13 -19.35 23.42
C GLY A 160 19.13 -19.17 22.31
N GLN A 161 19.57 -18.78 21.12
CA GLN A 161 18.72 -18.53 19.97
C GLN A 161 18.79 -19.67 18.97
N LEU A 162 17.77 -19.77 18.15
CA LEU A 162 17.64 -20.83 17.17
C LEU A 162 17.98 -20.29 15.79
N ILE A 163 18.67 -21.10 14.99
CA ILE A 163 19.15 -20.65 13.68
C ILE A 163 18.94 -21.75 12.65
N GLY A 164 18.44 -21.38 11.48
CA GLY A 164 18.24 -22.30 10.39
C GLY A 164 19.00 -21.88 9.14
N ILE A 165 19.06 -22.79 8.17
CA ILE A 165 19.72 -22.48 6.91
C ILE A 165 18.80 -22.80 5.75
N GLN A 166 18.75 -21.90 4.78
CA GLN A 166 18.00 -22.12 3.54
C GLN A 166 18.95 -22.69 2.50
N LEU A 167 18.72 -23.94 2.08
CA LEU A 167 19.50 -24.55 1.01
C LEU A 167 18.78 -24.38 -0.32
N SER A 168 19.54 -24.26 -1.39
CA SER A 168 18.93 -23.92 -2.66
C SER A 168 19.86 -24.22 -3.82
N HIS A 169 19.43 -23.79 -5.01
CA HIS A 169 20.14 -23.89 -6.27
C HIS A 169 19.41 -22.96 -7.21
N ALA A 170 20.15 -22.02 -7.84
CA ALA A 170 19.49 -20.93 -8.55
C ALA A 170 19.00 -21.32 -9.94
N GLY A 171 19.32 -22.52 -10.42
CA GLY A 171 18.79 -22.96 -11.70
C GLY A 171 19.17 -22.00 -12.82
N ARG A 172 18.16 -21.61 -13.61
CA ARG A 172 18.37 -20.74 -14.77
C ARG A 172 18.58 -19.28 -14.39
N LYS A 173 18.48 -18.92 -13.12
CA LYS A 173 18.81 -17.56 -12.69
C LYS A 173 20.21 -17.47 -12.11
N ALA A 174 21.04 -18.50 -12.31
CA ALA A 174 22.38 -18.51 -11.75
C ALA A 174 23.33 -17.61 -12.55
N SER A 175 24.50 -17.36 -11.95
CA SER A 175 25.61 -16.62 -12.56
C SER A 175 25.23 -15.18 -12.96
N MET A 176 24.61 -14.47 -12.04
CA MET A 176 24.33 -13.05 -12.23
C MET A 176 25.29 -12.23 -11.37
N VAL A 177 25.24 -10.90 -11.52
CA VAL A 177 26.06 -10.00 -10.70
C VAL A 177 25.20 -9.48 -9.56
N ALA A 178 25.87 -9.05 -8.49
CA ALA A 178 25.20 -8.51 -7.33
C ALA A 178 24.22 -7.42 -7.75
N PRO A 179 23.02 -7.37 -7.16
CA PRO A 179 21.98 -6.49 -7.70
C PRO A 179 22.29 -5.01 -7.58
N TRP A 180 23.17 -4.60 -6.66
CA TRP A 180 23.50 -3.17 -6.60
C TRP A 180 24.39 -2.75 -7.74
N LEU A 181 25.14 -3.70 -8.33
CA LEU A 181 25.89 -3.43 -9.55
C LEU A 181 24.97 -3.26 -10.75
N ASP A 182 23.87 -4.00 -10.77
CA ASP A 182 22.93 -3.91 -11.88
C ASP A 182 21.74 -4.80 -11.57
N ARG A 183 20.53 -4.28 -11.75
CA ARG A 183 19.33 -5.05 -11.47
C ARG A 183 19.37 -6.42 -12.15
N SER A 184 19.84 -6.49 -13.39
CA SER A 184 19.75 -7.72 -14.18
C SER A 184 20.86 -7.70 -15.23
N ALA A 185 22.01 -8.23 -14.86
CA ALA A 185 23.10 -8.40 -15.82
C ALA A 185 23.86 -9.67 -15.47
N VAL A 186 24.44 -10.30 -16.48
CA VAL A 186 25.11 -11.57 -16.26
C VAL A 186 26.53 -11.34 -15.77
N ALA A 187 27.02 -12.29 -14.98
CA ALA A 187 28.44 -12.36 -14.65
C ALA A 187 29.13 -13.08 -15.80
N THR A 188 29.96 -12.36 -16.54
CA THR A 188 30.72 -12.95 -17.62
C THR A 188 31.78 -13.90 -17.06
N GLU A 189 32.38 -14.69 -17.94
CA GLU A 189 33.36 -15.68 -17.48
C GLU A 189 34.56 -15.01 -16.80
N GLU A 190 34.99 -13.86 -17.31
CA GLU A 190 36.11 -13.14 -16.68
C GLU A 190 35.69 -12.39 -15.42
N ALA A 191 34.41 -12.18 -15.19
CA ALA A 191 33.94 -11.60 -13.94
C ALA A 191 33.49 -12.67 -12.95
N GLY A 192 33.97 -13.91 -13.11
CA GLY A 192 33.64 -14.99 -12.21
C GLY A 192 32.44 -15.83 -12.63
N GLY A 193 31.76 -15.46 -13.71
CA GLY A 193 30.58 -16.19 -14.15
C GLY A 193 30.89 -17.58 -14.65
N TRP A 194 29.82 -18.33 -14.96
CA TRP A 194 29.93 -19.71 -15.43
C TRP A 194 28.83 -19.99 -16.45
N PRO A 195 28.81 -19.21 -17.55
CA PRO A 195 27.73 -19.39 -18.54
C PRO A 195 27.52 -20.83 -18.99
N THR A 196 28.57 -21.59 -19.28
CA THR A 196 28.36 -22.92 -19.84
C THR A 196 27.83 -23.94 -18.83
N LYS A 197 27.65 -23.59 -17.56
CA LYS A 197 27.14 -24.54 -16.59
C LYS A 197 25.77 -24.18 -16.05
N VAL A 198 25.13 -23.13 -16.57
CA VAL A 198 23.82 -22.75 -16.06
C VAL A 198 22.77 -23.76 -16.54
N LYS A 199 21.93 -24.20 -15.62
CA LYS A 199 21.06 -25.35 -15.84
C LYS A 199 19.65 -25.09 -15.34
N GLY A 200 18.67 -25.63 -16.07
CA GLY A 200 17.29 -25.60 -15.63
C GLY A 200 16.55 -26.86 -16.03
N PRO A 201 15.26 -26.95 -15.69
CA PRO A 201 14.49 -28.09 -16.17
C PRO A 201 14.29 -28.07 -17.68
N SER A 202 14.28 -26.89 -18.31
CA SER A 202 14.12 -26.77 -19.76
C SER A 202 15.06 -25.70 -20.29
N ALA A 203 15.41 -25.80 -21.57
CA ALA A 203 16.33 -24.84 -22.19
C ALA A 203 15.57 -23.59 -22.60
N ILE A 204 15.08 -22.87 -21.59
CA ILE A 204 14.27 -21.66 -21.74
C ILE A 204 14.85 -20.56 -20.86
N PRO A 205 15.38 -19.48 -21.42
CA PRO A 205 15.96 -18.43 -20.59
C PRO A 205 14.87 -17.71 -19.81
N TYR A 206 15.20 -17.17 -18.65
CA TYR A 206 14.23 -16.34 -17.90
C TYR A 206 13.95 -15.09 -18.73
N ASP A 207 15.00 -14.45 -19.24
CA ASP A 207 14.89 -13.15 -19.95
C ASP A 207 16.02 -13.06 -20.97
N GLU A 208 16.10 -11.95 -21.69
CA GLU A 208 17.22 -11.70 -22.63
C GLU A 208 18.43 -11.25 -21.80
N HIS A 209 18.18 -10.78 -20.59
CA HIS A 209 19.27 -10.34 -19.73
C HIS A 209 19.96 -11.49 -18.98
N HIS A 210 19.39 -12.70 -18.99
CA HIS A 210 19.98 -13.85 -18.32
C HIS A 210 20.62 -14.79 -19.34
N TYR A 211 21.38 -15.76 -18.83
CA TYR A 211 21.93 -16.82 -19.65
C TYR A 211 20.85 -17.83 -20.03
N LYS A 212 21.06 -18.49 -21.15
CA LYS A 212 20.17 -19.56 -21.59
C LYS A 212 20.62 -20.87 -20.96
N PRO A 213 19.79 -21.52 -20.16
CA PRO A 213 20.25 -22.73 -19.46
C PRO A 213 20.33 -23.95 -20.36
N SER A 214 21.15 -24.91 -19.93
CA SER A 214 21.04 -26.29 -20.40
C SER A 214 19.88 -26.97 -19.68
N ALA A 215 19.15 -27.82 -20.40
CA ALA A 215 18.09 -28.62 -19.77
C ALA A 215 18.75 -29.78 -19.03
N MET A 216 18.47 -29.90 -17.73
CA MET A 216 19.09 -30.94 -16.92
C MET A 216 18.80 -32.32 -17.49
N THR A 217 19.85 -33.11 -17.69
CA THR A 217 19.72 -34.52 -17.96
C THR A 217 19.37 -35.27 -16.67
N LEU A 218 18.94 -36.52 -16.81
CA LEU A 218 18.66 -37.32 -15.61
C LEU A 218 19.91 -37.42 -14.74
N GLU A 219 21.08 -37.47 -15.37
CA GLU A 219 22.34 -37.45 -14.65
C GLU A 219 22.51 -36.16 -13.85
N ASP A 220 22.17 -35.01 -14.45
CA ASP A 220 22.27 -33.76 -13.68
C ASP A 220 21.33 -33.79 -12.49
N ILE A 221 20.12 -34.31 -12.69
CA ILE A 221 19.17 -34.35 -11.58
C ILE A 221 19.71 -35.21 -10.46
N GLN A 222 20.32 -36.34 -10.80
CA GLN A 222 20.91 -37.18 -9.76
C GLN A 222 22.08 -36.49 -9.09
N GLU A 223 22.88 -35.71 -9.85
CA GLU A 223 24.01 -35.02 -9.24
C GLU A 223 23.54 -33.93 -8.29
N PHE A 224 22.42 -33.30 -8.61
CA PHE A 224 21.83 -32.30 -7.72
C PHE A 224 21.33 -32.96 -6.44
N LYS A 225 20.66 -34.10 -6.56
CA LYS A 225 20.17 -34.86 -5.37
C LYS A 225 21.37 -35.30 -4.50
N ASP A 226 22.45 -35.80 -5.10
CA ASP A 226 23.62 -36.16 -4.32
C ASP A 226 24.21 -34.96 -3.60
N ALA A 227 24.34 -33.83 -4.31
CA ALA A 227 24.89 -32.64 -3.67
C ALA A 227 23.97 -32.15 -2.56
N TRP A 228 22.65 -32.28 -2.74
CA TRP A 228 21.73 -31.87 -1.69
C TRP A 228 22.01 -32.64 -0.41
N ALA A 229 22.16 -33.97 -0.54
CA ALA A 229 22.44 -34.83 0.61
C ALA A 229 23.75 -34.44 1.28
N ALA A 230 24.78 -34.17 0.48
CA ALA A 230 26.09 -33.82 1.04
C ALA A 230 26.03 -32.48 1.77
N SER A 231 25.23 -31.53 1.28
CA SER A 231 25.13 -30.26 1.97
C SER A 231 24.33 -30.38 3.28
N LEU A 232 23.31 -31.26 3.32
CA LEU A 232 22.58 -31.50 4.55
C LEU A 232 23.50 -32.01 5.66
N LYS A 233 24.38 -32.97 5.33
CA LYS A 233 25.30 -33.47 6.36
C LYS A 233 26.19 -32.34 6.87
N ARG A 234 26.64 -31.46 5.99
CA ARG A 234 27.47 -30.34 6.45
C ARG A 234 26.65 -29.38 7.30
N ALA A 235 25.38 -29.18 6.94
CA ALA A 235 24.52 -28.31 7.73
C ALA A 235 24.29 -28.89 9.13
N LEU A 236 24.06 -30.21 9.24
CA LEU A 236 23.88 -30.80 10.56
C LEU A 236 25.14 -30.69 11.39
N LYS A 237 26.29 -30.94 10.76
CA LYS A 237 27.57 -30.86 11.44
C LYS A 237 27.88 -29.42 11.90
N ALA A 238 27.46 -28.40 11.14
CA ALA A 238 27.66 -27.06 11.67
C ALA A 238 26.70 -26.75 12.82
N GLY A 239 25.67 -27.57 13.04
CA GLY A 239 24.77 -27.40 14.15
C GLY A 239 23.46 -26.64 13.90
N PHE A 240 23.01 -26.51 12.66
CA PHE A 240 21.76 -25.77 12.46
C PHE A 240 20.59 -26.49 13.13
N ASP A 241 19.62 -25.69 13.57
CA ASP A 241 18.44 -26.22 14.25
C ASP A 241 17.29 -26.52 13.31
N VAL A 242 17.22 -25.87 12.14
CA VAL A 242 16.18 -26.17 11.17
C VAL A 242 16.76 -26.01 9.78
N ILE A 243 16.21 -26.76 8.84
CA ILE A 243 16.56 -26.65 7.44
C ILE A 243 15.34 -26.18 6.67
N GLU A 244 15.53 -25.25 5.75
CA GLU A 244 14.46 -24.79 4.87
C GLU A 244 14.82 -25.11 3.42
N ILE A 245 13.88 -25.72 2.70
CA ILE A 245 14.03 -26.00 1.28
C ILE A 245 13.56 -24.75 0.53
N HIS A 246 14.42 -24.23 -0.32
CA HIS A 246 14.10 -23.06 -1.16
C HIS A 246 13.40 -23.52 -2.43
N ASN A 247 12.09 -23.36 -2.51
CA ASN A 247 11.27 -23.74 -3.68
C ASN A 247 10.61 -22.48 -4.23
N ALA A 248 11.28 -21.32 -4.13
CA ALA A 248 10.63 -20.09 -4.53
C ALA A 248 11.54 -19.24 -5.40
N HIS A 249 11.00 -18.07 -5.79
CA HIS A 249 11.73 -16.97 -6.44
C HIS A 249 12.41 -17.40 -7.73
N GLY A 250 11.74 -18.26 -8.50
CA GLY A 250 12.23 -18.62 -9.81
C GLY A 250 13.53 -19.39 -9.80
N TYR A 251 13.94 -19.94 -8.67
CA TYR A 251 15.16 -20.74 -8.65
C TYR A 251 14.81 -22.15 -9.13
N LEU A 252 15.76 -23.08 -9.00
CA LEU A 252 15.62 -24.40 -9.63
C LEU A 252 14.31 -25.11 -9.26
N LEU A 253 13.98 -25.21 -7.97
CA LEU A 253 12.80 -26.03 -7.63
C LEU A 253 11.50 -25.35 -8.07
N HIS A 254 11.45 -24.01 -7.99
CA HIS A 254 10.30 -23.28 -8.52
C HIS A 254 10.19 -23.48 -10.02
N GLU A 255 11.33 -23.54 -10.73
CA GLU A 255 11.30 -23.72 -12.17
C GLU A 255 10.68 -25.05 -12.54
N PHE A 256 10.95 -26.09 -11.75
CA PHE A 256 10.41 -27.41 -12.02
C PHE A 256 8.91 -27.46 -11.78
N VAL A 257 8.41 -26.78 -10.75
CA VAL A 257 6.99 -26.91 -10.45
C VAL A 257 6.15 -26.10 -11.44
N SER A 258 6.68 -25.03 -11.97
CA SER A 258 5.84 -24.18 -12.80
C SER A 258 5.84 -24.66 -14.24
N PRO A 259 4.67 -24.82 -14.88
CA PRO A 259 4.67 -25.20 -16.30
C PRO A 259 5.19 -24.12 -17.23
N VAL A 260 5.31 -22.88 -16.79
CA VAL A 260 5.80 -21.88 -17.73
C VAL A 260 7.30 -22.04 -17.92
N SER A 261 8.00 -22.61 -16.93
CA SER A 261 9.43 -22.84 -17.04
C SER A 261 9.83 -24.30 -17.24
N ASN A 262 8.94 -25.26 -16.93
CA ASN A 262 9.26 -26.69 -17.06
C ASN A 262 8.44 -27.30 -18.19
N LYS A 263 9.09 -27.53 -19.33
CA LYS A 263 8.49 -28.15 -20.51
C LYS A 263 8.91 -29.60 -20.69
N ARG A 264 9.43 -30.23 -19.66
CA ARG A 264 9.97 -31.61 -19.80
C ARG A 264 8.87 -32.61 -20.19
N THR A 265 9.28 -33.72 -20.80
CA THR A 265 8.33 -34.77 -21.24
C THR A 265 8.66 -36.08 -20.51
N ASP A 266 9.67 -36.07 -19.65
CA ASP A 266 10.01 -37.26 -18.83
C ASP A 266 9.19 -37.30 -17.55
N GLN A 267 9.61 -38.10 -16.59
CA GLN A 267 8.91 -38.22 -15.29
C GLN A 267 8.91 -36.88 -14.55
N TYR A 268 9.64 -35.88 -15.06
CA TYR A 268 9.70 -34.63 -14.32
C TYR A 268 8.88 -33.52 -14.95
N GLY A 269 8.04 -33.82 -15.95
CA GLY A 269 7.25 -32.79 -16.58
C GLY A 269 5.97 -33.33 -17.18
N GLY A 270 5.12 -32.41 -17.62
CA GLY A 270 3.92 -32.75 -18.37
C GLY A 270 2.68 -32.95 -17.53
N SER A 271 2.75 -32.81 -16.22
CA SER A 271 1.58 -32.92 -15.36
C SER A 271 1.94 -32.35 -14.01
N PHE A 272 0.92 -32.03 -13.23
CA PHE A 272 1.15 -31.51 -11.90
C PHE A 272 1.98 -32.48 -11.06
N GLU A 273 1.67 -33.78 -11.12
CA GLU A 273 2.40 -34.77 -10.33
C GLU A 273 3.87 -34.87 -10.78
N ASN A 274 4.12 -34.84 -12.08
CA ASN A 274 5.51 -34.93 -12.53
C ASN A 274 6.29 -33.68 -12.16
N ARG A 275 5.67 -32.50 -12.29
CA ARG A 275 6.38 -31.25 -12.06
C ARG A 275 6.73 -31.06 -10.60
N ILE A 276 6.00 -31.66 -9.66
CA ILE A 276 6.40 -31.59 -8.26
C ILE A 276 7.23 -32.78 -7.83
N ARG A 277 7.52 -33.72 -8.73
CA ARG A 277 8.24 -34.92 -8.32
C ARG A 277 9.61 -34.57 -7.73
N LEU A 278 10.36 -33.66 -8.36
CA LEU A 278 11.69 -33.33 -7.84
C LEU A 278 11.60 -32.73 -6.44
N THR A 279 10.63 -31.86 -6.22
CA THR A 279 10.42 -31.32 -4.89
C THR A 279 10.13 -32.42 -3.86
N LEU A 280 9.26 -33.38 -4.20
CA LEU A 280 8.97 -34.45 -3.26
C LEU A 280 10.16 -35.37 -3.06
N GLU A 281 10.96 -35.61 -4.09
CA GLU A 281 12.17 -36.39 -3.88
C GLU A 281 13.17 -35.66 -2.98
N ILE A 282 13.25 -34.32 -3.10
CA ILE A 282 14.14 -33.58 -2.21
C ILE A 282 13.63 -33.64 -0.77
N VAL A 283 12.32 -33.56 -0.56
CA VAL A 283 11.77 -33.70 0.79
C VAL A 283 12.06 -35.09 1.38
N GLU A 284 11.88 -36.14 0.59
CA GLU A 284 12.13 -37.50 1.09
C GLU A 284 13.61 -37.69 1.45
N ILE A 285 14.51 -37.23 0.59
CA ILE A 285 15.95 -37.31 0.90
C ILE A 285 16.25 -36.58 2.18
N THR A 286 15.67 -35.39 2.36
CA THR A 286 15.96 -34.58 3.54
C THR A 286 15.49 -35.28 4.81
N ARG A 287 14.24 -35.73 4.82
CA ARG A 287 13.66 -36.41 5.97
C ARG A 287 14.35 -37.73 6.27
N LYS A 288 14.99 -38.33 5.28
CA LYS A 288 15.78 -39.53 5.56
C LYS A 288 17.09 -39.19 6.28
N ILE A 289 17.62 -37.97 6.08
CA ILE A 289 18.96 -37.64 6.56
C ILE A 289 18.93 -36.87 7.88
N ILE A 290 18.02 -35.91 8.04
CA ILE A 290 18.06 -35.08 9.24
C ILE A 290 17.29 -35.79 10.35
N PRO A 291 17.49 -35.40 11.61
CA PRO A 291 16.78 -36.07 12.72
C PRO A 291 15.28 -35.80 12.62
N GLU A 292 14.48 -36.81 13.00
CA GLU A 292 13.03 -36.58 13.09
C GLU A 292 12.71 -35.46 14.07
N SER A 293 13.63 -35.20 15.02
CA SER A 293 13.47 -34.12 15.98
C SER A 293 13.57 -32.73 15.36
N MET A 294 14.10 -32.61 14.13
CA MET A 294 14.45 -31.33 13.51
C MET A 294 13.36 -30.83 12.57
N PRO A 295 12.90 -29.59 12.71
CA PRO A 295 11.88 -29.08 11.80
C PRO A 295 12.42 -28.92 10.40
N LEU A 296 11.56 -29.17 9.42
CA LEU A 296 11.85 -28.95 8.01
C LEU A 296 10.89 -27.89 7.50
N PHE A 297 11.44 -26.80 6.95
CA PHE A 297 10.64 -25.74 6.35
C PHE A 297 10.72 -25.85 4.83
N LEU A 298 9.71 -25.31 4.18
CA LEU A 298 9.77 -25.18 2.73
C LEU A 298 9.20 -23.82 2.33
N ARG A 299 9.97 -23.08 1.53
CA ARG A 299 9.54 -21.78 1.03
C ARG A 299 9.07 -21.96 -0.41
N ILE A 300 7.85 -21.51 -0.64
CA ILE A 300 7.20 -21.67 -1.96
C ILE A 300 6.88 -20.29 -2.52
N SER A 301 6.88 -20.19 -3.83
CA SER A 301 6.34 -18.96 -4.44
C SER A 301 4.88 -19.34 -4.68
N ALA A 302 3.95 -18.77 -3.91
CA ALA A 302 2.54 -19.18 -4.00
C ALA A 302 2.02 -19.06 -5.42
N THR A 303 2.53 -18.11 -6.20
CA THR A 303 2.04 -17.96 -7.56
C THR A 303 3.12 -17.29 -8.41
N ASP A 304 3.07 -17.57 -9.71
CA ASP A 304 3.86 -16.88 -10.70
C ASP A 304 3.41 -15.45 -10.95
N TRP A 305 2.18 -15.08 -10.53
CA TRP A 305 1.60 -13.77 -10.87
C TRP A 305 1.41 -13.64 -12.38
N LEU A 306 1.08 -14.75 -13.04
CA LEU A 306 0.72 -14.74 -14.46
C LEU A 306 -0.74 -15.11 -14.64
N ASP A 307 -1.49 -15.12 -13.54
CA ASP A 307 -2.90 -15.51 -13.55
C ASP A 307 -3.77 -14.27 -13.83
N TYR A 308 -3.53 -13.67 -14.98
CA TYR A 308 -4.33 -12.52 -15.40
C TYR A 308 -4.64 -12.63 -16.89
N GLU A 309 -5.62 -11.84 -17.32
CA GLU A 309 -6.08 -11.89 -18.70
C GLU A 309 -5.18 -11.04 -19.58
N GLY A 310 -4.79 -11.60 -20.72
CA GLY A 310 -3.79 -10.97 -21.56
C GLY A 310 -2.57 -11.85 -21.65
N PHE A 311 -2.25 -12.52 -20.55
CA PHE A 311 -1.26 -13.59 -20.53
C PHE A 311 -1.98 -14.93 -20.63
N GLY A 312 -1.60 -15.72 -21.63
CA GLY A 312 -2.37 -16.91 -21.95
C GLY A 312 -1.74 -18.23 -21.60
N GLU A 313 -0.42 -18.23 -21.38
CA GLU A 313 0.25 -19.49 -21.06
C GLU A 313 -0.17 -19.98 -19.68
N GLU A 314 -0.01 -21.28 -19.46
CA GLU A 314 -0.36 -21.85 -18.17
C GLU A 314 0.75 -21.54 -17.17
N SER A 315 0.37 -21.44 -15.90
CA SER A 315 1.30 -20.94 -14.90
C SER A 315 1.02 -21.61 -13.56
N TRP A 316 1.93 -21.37 -12.62
CA TRP A 316 1.77 -21.85 -11.26
C TRP A 316 0.91 -20.87 -10.49
N THR A 317 -0.14 -21.38 -9.84
CA THR A 317 -1.15 -20.56 -9.18
C THR A 317 -1.25 -20.91 -7.71
N VAL A 318 -2.01 -20.11 -6.96
CA VAL A 318 -2.11 -20.37 -5.53
C VAL A 318 -2.85 -21.67 -5.28
N ALA A 319 -3.76 -22.07 -6.18
CA ALA A 319 -4.41 -23.37 -6.03
C ALA A 319 -3.42 -24.52 -6.15
N ASP A 320 -2.48 -24.43 -7.10
CA ASP A 320 -1.41 -25.42 -7.16
C ASP A 320 -0.60 -25.44 -5.87
N SER A 321 -0.23 -24.26 -5.36
CA SER A 321 0.57 -24.24 -4.13
C SER A 321 -0.21 -24.84 -2.96
N ALA A 322 -1.52 -24.63 -2.93
CA ALA A 322 -2.32 -25.20 -1.85
C ALA A 322 -2.38 -26.71 -1.98
N ARG A 323 -2.60 -27.21 -3.19
CA ARG A 323 -2.59 -28.65 -3.41
C ARG A 323 -1.23 -29.25 -3.07
N LEU A 324 -0.14 -28.58 -3.47
CA LEU A 324 1.19 -29.03 -3.07
C LEU A 324 1.34 -29.01 -1.55
N ALA A 325 0.87 -27.95 -0.90
CA ALA A 325 0.96 -27.88 0.56
C ALA A 325 0.29 -29.10 1.19
N GLY A 326 -0.91 -29.44 0.72
CA GLY A 326 -1.59 -30.60 1.25
C GLY A 326 -0.76 -31.87 1.13
N ILE A 327 -0.03 -32.01 0.02
CA ILE A 327 0.77 -33.22 -0.14
C ILE A 327 1.98 -33.18 0.79
N LEU A 328 2.64 -32.02 0.88
CA LEU A 328 3.82 -31.89 1.74
C LEU A 328 3.48 -32.10 3.21
N ALA A 329 2.28 -31.70 3.63
CA ALA A 329 1.89 -31.84 5.02
C ALA A 329 1.95 -33.29 5.50
N ASP A 330 1.92 -34.25 4.58
CA ASP A 330 1.95 -35.67 4.95
C ASP A 330 3.30 -36.30 4.68
N ARG A 331 4.31 -35.52 4.34
CA ARG A 331 5.62 -36.05 3.98
C ARG A 331 6.73 -35.46 4.84
N GLY A 332 6.39 -34.88 5.99
CA GLY A 332 7.37 -34.40 6.94
C GLY A 332 7.76 -32.93 6.83
N VAL A 333 7.02 -32.12 6.10
CA VAL A 333 7.27 -30.68 6.08
C VAL A 333 6.45 -30.04 7.19
N ASP A 334 7.12 -29.31 8.08
CA ASP A 334 6.43 -28.74 9.28
C ASP A 334 5.94 -27.31 9.01
N LEU A 335 6.61 -26.54 8.15
CA LEU A 335 6.15 -25.13 7.97
C LEU A 335 6.15 -24.75 6.49
N MET A 336 5.10 -24.05 6.05
CA MET A 336 5.04 -23.56 4.65
C MET A 336 5.37 -22.06 4.65
N ASP A 337 6.61 -21.71 4.31
CA ASP A 337 6.98 -20.28 4.17
C ASP A 337 6.32 -19.81 2.86
N VAL A 338 5.46 -18.80 2.92
CA VAL A 338 4.71 -18.42 1.69
C VAL A 338 5.25 -17.13 1.08
N SER A 339 5.96 -17.18 -0.02
CA SER A 339 6.37 -15.96 -0.75
C SER A 339 5.66 -16.02 -2.11
N SER A 340 6.23 -15.40 -3.14
CA SER A 340 5.60 -15.46 -4.47
C SER A 340 6.52 -14.83 -5.49
N GLY A 341 6.24 -15.10 -6.77
CA GLY A 341 6.80 -14.37 -7.89
C GLY A 341 8.23 -14.73 -8.23
N ALA A 342 8.81 -13.91 -9.13
CA ALA A 342 10.21 -13.94 -9.57
C ALA A 342 10.55 -15.13 -10.47
N ASN A 343 9.56 -15.76 -11.11
CA ASN A 343 9.82 -16.87 -12.03
C ASN A 343 9.63 -16.49 -13.48
N HIS A 344 9.07 -15.31 -13.78
CA HIS A 344 8.81 -14.95 -15.16
C HIS A 344 8.76 -13.43 -15.31
N PRO A 345 9.47 -12.88 -16.30
CA PRO A 345 9.58 -11.41 -16.40
C PRO A 345 8.26 -10.71 -16.72
N ARG A 346 7.22 -11.43 -17.18
CA ARG A 346 5.93 -10.82 -17.43
C ARG A 346 5.01 -10.85 -16.22
N GLN A 347 5.51 -11.20 -15.05
CA GLN A 347 4.69 -11.23 -13.85
C GLN A 347 4.05 -9.85 -13.59
N LYS A 348 2.86 -9.87 -12.99
CA LYS A 348 2.13 -8.64 -12.68
C LYS A 348 1.78 -8.65 -11.20
N ILE A 349 2.62 -8.02 -10.40
CA ILE A 349 2.54 -8.13 -8.95
C ILE A 349 1.75 -6.98 -8.39
N THR A 350 0.79 -7.29 -7.52
CA THR A 350 0.02 -6.31 -6.76
C THR A 350 0.65 -6.20 -5.37
N ALA A 351 1.59 -5.27 -5.22
CA ALA A 351 2.35 -5.13 -3.98
C ALA A 351 1.67 -4.16 -3.01
N GLY A 352 2.21 -4.10 -1.79
CA GLY A 352 1.62 -3.34 -0.69
C GLY A 352 1.67 -4.09 0.62
N LEU A 353 1.28 -3.46 1.73
CA LEU A 353 1.40 -4.06 3.05
C LEU A 353 0.73 -5.44 3.11
N GLY A 354 1.50 -6.47 3.45
CA GLY A 354 0.96 -7.81 3.60
C GLY A 354 0.40 -8.45 2.35
N TYR A 355 0.91 -8.09 1.17
CA TYR A 355 0.27 -8.48 -0.09
C TYR A 355 0.31 -9.98 -0.36
N GLN A 356 1.20 -10.73 0.29
CA GLN A 356 1.27 -12.17 0.13
C GLN A 356 0.54 -12.92 1.24
N ALA A 357 0.13 -12.23 2.31
CA ALA A 357 -0.61 -12.91 3.37
C ALA A 357 -1.89 -13.58 2.86
N PRO A 358 -2.62 -13.04 1.88
CA PRO A 358 -3.81 -13.76 1.41
C PRO A 358 -3.47 -15.13 0.85
N PHE A 359 -2.36 -15.25 0.12
CA PHE A 359 -1.92 -16.57 -0.31
C PHE A 359 -1.72 -17.50 0.87
N ALA A 360 -1.00 -17.02 1.89
CA ALA A 360 -0.73 -17.86 3.05
C ALA A 360 -2.02 -18.31 3.71
N LYS A 361 -3.01 -17.41 3.83
N LYS A 361 -3.01 -17.42 3.82
CA LYS A 361 -4.26 -17.78 4.48
CA LYS A 361 -4.25 -17.80 4.48
C LYS A 361 -5.02 -18.83 3.67
C LYS A 361 -5.03 -18.82 3.66
N GLU A 362 -4.98 -18.72 2.34
CA GLU A 362 -5.60 -19.75 1.50
C GLU A 362 -4.88 -21.10 1.60
N ILE A 363 -3.55 -21.10 1.68
CA ILE A 363 -2.85 -22.35 1.89
C ILE A 363 -3.16 -22.90 3.27
N LYS A 364 -3.24 -22.01 4.27
CA LYS A 364 -3.54 -22.44 5.62
C LYS A 364 -4.91 -23.10 5.70
N ARG A 365 -5.88 -22.57 4.95
CA ARG A 365 -7.23 -23.12 5.00
C ARG A 365 -7.27 -24.56 4.51
N VAL A 366 -6.34 -24.96 3.63
CA VAL A 366 -6.38 -26.33 3.14
C VAL A 366 -5.56 -27.28 4.01
N VAL A 367 -4.45 -26.83 4.60
CA VAL A 367 -3.69 -27.75 5.44
C VAL A 367 -4.18 -27.74 6.89
N GLY A 368 -4.92 -26.72 7.31
CA GLY A 368 -5.37 -26.71 8.68
C GLY A 368 -4.24 -26.93 9.67
N GLU A 369 -4.49 -27.74 10.68
CA GLU A 369 -3.48 -28.01 11.70
C GLU A 369 -2.45 -29.06 11.25
N ARG A 370 -2.48 -29.53 10.01
CA ARG A 370 -1.48 -30.51 9.61
C ARG A 370 -0.12 -29.90 9.38
N MET A 371 -0.04 -28.59 9.23
CA MET A 371 1.21 -27.92 8.91
C MET A 371 1.11 -26.47 9.38
N LEU A 372 2.25 -25.91 9.75
CA LEU A 372 2.31 -24.51 10.11
C LEU A 372 2.52 -23.66 8.86
N VAL A 373 1.97 -22.45 8.87
CA VAL A 373 2.12 -21.56 7.73
C VAL A 373 2.68 -20.23 8.20
N GLY A 374 3.69 -19.72 7.51
CA GLY A 374 4.26 -18.42 7.81
C GLY A 374 4.09 -17.49 6.64
N THR A 375 3.90 -16.21 6.93
CA THR A 375 3.72 -15.20 5.92
C THR A 375 4.86 -14.20 5.96
N VAL A 376 5.20 -13.67 4.79
CA VAL A 376 6.28 -12.72 4.65
C VAL A 376 5.91 -11.68 3.60
N GLY A 377 6.47 -10.47 3.75
CA GLY A 377 6.33 -9.45 2.70
C GLY A 377 5.63 -8.19 3.14
N MET A 378 6.40 -7.13 3.37
CA MET A 378 5.86 -5.83 3.79
C MET A 378 4.92 -5.97 4.99
N ILE A 379 5.37 -6.70 5.99
CA ILE A 379 4.70 -6.71 7.29
C ILE A 379 5.37 -5.59 8.09
N GLY A 380 4.80 -4.39 8.04
CA GLY A 380 5.50 -3.20 8.58
C GLY A 380 5.23 -2.74 9.99
N SER A 381 4.56 -3.53 10.82
CA SER A 381 4.20 -3.10 12.18
C SER A 381 3.87 -4.31 13.05
N GLY A 382 4.04 -4.18 14.35
CA GLY A 382 3.65 -5.24 15.28
C GLY A 382 2.15 -5.45 15.30
N ARG A 383 1.40 -4.37 15.09
CA ARG A 383 -0.08 -4.46 15.03
C ARG A 383 -0.52 -5.28 13.81
N GLN A 384 0.00 -4.96 12.62
CA GLN A 384 -0.30 -5.73 11.41
C GLN A 384 0.12 -7.19 11.65
N ALA A 385 1.35 -7.37 12.15
CA ALA A 385 1.81 -8.73 12.40
C ALA A 385 0.87 -9.47 13.34
N GLU A 386 0.53 -8.86 14.47
CA GLU A 386 -0.39 -9.48 15.41
C GLU A 386 -1.74 -9.75 14.76
N GLY A 387 -2.19 -8.86 13.87
CA GLY A 387 -3.44 -9.11 13.16
C GLY A 387 -3.36 -10.31 12.22
N LEU A 388 -2.27 -10.42 11.46
CA LEU A 388 -2.14 -11.54 10.54
C LEU A 388 -2.16 -12.88 11.28
N LEU A 389 -1.47 -12.95 12.43
CA LEU A 389 -1.38 -14.20 13.18
C LEU A 389 -2.72 -14.55 13.83
N SER A 390 -3.47 -13.56 14.28
CA SER A 390 -4.70 -13.82 15.02
C SER A 390 -5.95 -13.80 14.15
N GLY A 391 -5.81 -13.48 12.86
CA GLY A 391 -6.95 -13.48 11.95
C GLY A 391 -7.78 -12.22 11.93
N MET A 392 -7.25 -11.11 12.40
N MET A 392 -7.25 -11.11 12.40
CA MET A 392 -7.97 -9.85 12.42
CA MET A 392 -7.97 -9.84 12.44
C MET A 392 -7.37 -8.89 11.41
C MET A 392 -7.37 -8.89 11.41
N GLY A 393 -8.14 -7.84 11.10
CA GLY A 393 -7.68 -6.84 10.16
C GLY A 393 -7.79 -7.20 8.71
N GLY A 394 -8.52 -8.25 8.38
CA GLY A 394 -8.63 -8.62 6.96
C GLY A 394 -7.50 -9.53 6.53
N GLU A 395 -7.47 -9.89 5.25
CA GLU A 395 -6.50 -10.86 4.67
C GLU A 395 -5.07 -10.30 4.59
N ARG A 396 -4.88 -8.97 4.68
CA ARG A 396 -3.51 -8.37 4.69
C ARG A 396 -3.30 -7.76 6.08
N GLY A 397 -4.27 -7.93 6.97
CA GLY A 397 -4.27 -7.42 8.33
C GLY A 397 -4.14 -5.93 8.41
N VAL A 398 -4.49 -5.15 7.41
CA VAL A 398 -4.26 -3.68 7.52
C VAL A 398 -5.54 -2.99 7.99
N ASP A 399 -6.65 -3.70 8.06
CA ASP A 399 -7.95 -3.05 8.38
C ASP A 399 -8.12 -2.82 9.88
N GLU A 400 -8.85 -1.77 10.24
CA GLU A 400 -9.14 -1.52 11.68
C GLU A 400 -10.64 -1.37 11.88
N GLY A 401 -11.39 -2.47 11.78
CA GLY A 401 -12.84 -2.42 12.00
C GLY A 401 -13.34 -3.80 12.39
N GLU A 402 -14.64 -4.08 12.19
CA GLU A 402 -15.23 -5.41 12.45
C GLU A 402 -14.87 -5.90 13.86
N LYS A 407 -14.30 -15.73 12.86
CA LYS A 407 -13.94 -15.38 11.46
C LYS A 407 -12.51 -14.85 11.39
N GLY A 408 -11.83 -15.11 10.28
CA GLY A 408 -10.41 -14.74 10.14
C GLY A 408 -9.55 -16.00 10.16
N THR A 409 -8.75 -16.22 9.12
CA THR A 409 -7.84 -17.38 9.12
C THR A 409 -6.57 -17.05 9.91
N GLU A 410 -6.33 -17.79 10.99
CA GLU A 410 -5.12 -17.59 11.79
C GLU A 410 -3.90 -18.16 11.09
N LEU A 411 -2.77 -17.47 11.23
CA LEU A 411 -1.48 -17.93 10.74
C LEU A 411 -0.55 -18.19 11.90
N ASP A 412 0.58 -18.84 11.61
CA ASP A 412 1.42 -19.35 12.68
C ASP A 412 2.70 -18.57 12.91
N LEU A 413 3.21 -17.86 11.90
CA LEU A 413 4.55 -17.27 11.97
C LEU A 413 4.63 -16.08 11.02
N VAL A 414 5.30 -15.02 11.48
CA VAL A 414 5.53 -13.80 10.71
C VAL A 414 7.01 -13.74 10.35
N ILE A 415 7.31 -13.42 9.10
CA ILE A 415 8.68 -13.43 8.61
C ILE A 415 9.02 -12.06 8.05
N VAL A 416 10.22 -11.56 8.38
CA VAL A 416 10.60 -10.18 8.08
C VAL A 416 12.04 -10.14 7.60
N ALA A 417 12.27 -9.47 6.46
CA ALA A 417 13.63 -9.25 5.95
C ALA A 417 14.03 -7.78 6.08
N ARG A 418 13.46 -6.89 5.26
CA ARG A 418 13.98 -5.53 5.18
C ARG A 418 13.81 -4.79 6.51
N GLY A 419 12.72 -5.07 7.24
CA GLY A 419 12.56 -4.49 8.57
C GLY A 419 13.78 -4.66 9.45
N PHE A 420 14.41 -5.82 9.42
CA PHE A 420 15.59 -6.12 10.27
C PHE A 420 16.85 -5.40 9.79
N GLN A 421 17.01 -5.25 8.49
CA GLN A 421 18.16 -4.52 7.91
C GLN A 421 18.12 -3.06 8.36
N LYS A 422 16.95 -2.44 8.35
CA LYS A 422 16.79 -1.04 8.81
C LYS A 422 16.98 -0.98 10.33
N ASN A 423 16.44 -1.96 11.05
CA ASN A 423 16.55 -1.90 12.51
C ASN A 423 16.76 -3.30 13.08
N PRO A 424 18.00 -3.69 13.32
CA PRO A 424 18.25 -5.02 13.88
C PRO A 424 17.47 -5.24 15.17
N GLY A 425 17.02 -4.16 15.83
CA GLY A 425 16.27 -4.27 17.07
C GLY A 425 14.76 -4.27 16.89
N LEU A 426 14.31 -4.70 15.70
CA LEU A 426 12.89 -4.69 15.39
C LEU A 426 12.04 -5.43 16.43
N VAL A 427 12.53 -6.55 16.96
CA VAL A 427 11.73 -7.31 17.91
C VAL A 427 11.39 -6.45 19.13
N TRP A 428 12.41 -5.76 19.66
CA TRP A 428 12.19 -4.83 20.77
C TRP A 428 11.25 -3.69 20.35
N GLU A 429 11.41 -3.16 19.15
CA GLU A 429 10.53 -2.07 18.74
C GLU A 429 9.08 -2.54 18.65
N TRP A 430 8.83 -3.75 18.11
CA TRP A 430 7.47 -4.27 18.04
C TRP A 430 6.94 -4.64 19.41
N ALA A 431 7.80 -5.15 20.30
CA ALA A 431 7.34 -5.45 21.65
C ALA A 431 6.87 -4.17 22.37
N GLU A 432 7.62 -3.08 22.25
CA GLU A 432 7.19 -1.83 22.84
C GLU A 432 5.92 -1.31 22.17
N GLU A 433 5.85 -1.38 20.84
CA GLU A 433 4.63 -0.98 20.16
C GLU A 433 3.40 -1.74 20.68
N LEU A 434 3.55 -3.01 21.08
CA LEU A 434 2.39 -3.79 21.51
C LEU A 434 2.24 -3.85 23.02
N GLY A 435 3.11 -3.18 23.77
CA GLY A 435 2.98 -3.18 25.21
C GLY A 435 3.42 -4.45 25.89
N VAL A 436 4.37 -5.17 25.31
CA VAL A 436 4.83 -6.45 25.86
C VAL A 436 6.20 -6.24 26.48
N ARG A 437 6.32 -6.53 27.77
CA ARG A 437 7.63 -6.55 28.40
C ARG A 437 8.38 -7.82 28.00
N ILE A 438 9.58 -7.66 27.46
CA ILE A 438 10.35 -8.78 26.97
C ILE A 438 11.75 -8.75 27.56
N MET A 439 12.36 -9.93 27.60
CA MET A 439 13.77 -10.00 27.91
C MET A 439 14.58 -9.42 26.74
N VAL A 440 15.66 -8.73 27.05
CA VAL A 440 16.69 -8.39 26.08
C VAL A 440 18.02 -8.86 26.65
N ALA A 441 19.06 -8.84 25.83
CA ALA A 441 20.39 -9.22 26.29
C ALA A 441 20.81 -8.40 27.51
N HIS A 442 21.45 -9.04 28.48
CA HIS A 442 21.94 -8.33 29.69
C HIS A 442 22.72 -7.07 29.32
N GLN A 443 23.59 -7.16 28.31
CA GLN A 443 24.46 -6.05 27.88
C GLN A 443 23.63 -4.83 27.45
N MET A 444 22.43 -5.05 26.95
CA MET A 444 21.62 -3.93 26.48
C MET A 444 20.59 -3.47 27.50
N ARG A 445 20.35 -4.23 28.56
CA ARG A 445 19.16 -4.00 29.35
C ARG A 445 19.41 -3.00 30.46
N TRP A 446 20.44 -3.26 31.28
CA TRP A 446 20.64 -2.53 32.52
C TRP A 446 20.75 -1.02 32.28
N GLY A 447 21.13 -0.59 31.08
CA GLY A 447 21.24 0.83 30.77
C GLY A 447 19.92 1.59 30.83
N PHE A 448 18.79 0.88 30.73
CA PHE A 448 17.48 1.52 30.64
C PHE A 448 16.65 1.41 31.92
N ARG A 449 17.13 0.67 32.93
CA ARG A 449 16.44 0.55 34.21
C ARG A 449 16.68 1.77 35.10
N LEU B 39 1.25 45.63 23.04
CA LEU B 39 0.46 46.01 24.24
C LEU B 39 -1.04 45.78 23.98
N LEU B 40 -1.46 45.60 22.73
CA LEU B 40 -2.92 45.49 22.41
C LEU B 40 -3.23 44.17 21.70
N ASN B 41 -4.23 43.43 22.18
CA ASN B 41 -4.67 42.16 21.55
C ASN B 41 -5.47 42.61 20.34
N THR B 42 -4.77 42.84 19.25
CA THR B 42 -5.38 43.48 18.08
C THR B 42 -6.55 42.66 17.54
N PRO B 43 -7.67 43.27 17.22
CA PRO B 43 -8.79 42.50 16.68
C PRO B 43 -8.62 42.24 15.19
N ALA B 44 -9.11 41.08 14.76
CA ALA B 44 -9.11 40.75 13.34
C ALA B 44 -10.15 41.59 12.62
N PRO B 45 -9.82 42.18 11.47
CA PRO B 45 -10.76 43.10 10.83
C PRO B 45 -11.82 42.38 10.02
N GLY B 46 -12.97 43.04 9.90
CA GLY B 46 -13.97 42.65 8.93
C GLY B 46 -14.92 41.56 9.35
N VAL B 47 -14.95 41.19 10.62
CA VAL B 47 -15.90 40.19 11.10
C VAL B 47 -16.71 40.81 12.22
N PRO B 48 -17.91 40.28 12.48
CA PRO B 48 -18.81 40.90 13.45
C PRO B 48 -18.58 40.45 14.88
N PHE B 49 -17.41 39.91 15.18
CA PHE B 49 -17.07 39.52 16.54
C PHE B 49 -15.58 39.75 16.74
N TYR B 50 -15.22 40.09 17.97
CA TYR B 50 -13.82 40.25 18.31
C TYR B 50 -13.11 38.89 18.30
N THR B 51 -11.94 38.84 17.69
CA THR B 51 -11.02 37.71 17.85
C THR B 51 -9.61 38.18 17.53
N PRO B 52 -8.59 37.67 18.21
CA PRO B 52 -7.20 38.08 17.92
C PRO B 52 -6.84 37.87 16.46
N LEU B 53 -6.34 38.95 15.84
CA LEU B 53 -5.81 38.88 14.48
C LEU B 53 -4.61 37.95 14.40
N GLN B 54 -4.57 37.11 13.37
CA GLN B 54 -3.47 36.17 13.14
C GLN B 54 -2.66 36.67 11.94
N SER B 55 -1.49 37.24 12.21
CA SER B 55 -0.66 37.81 11.15
C SER B 55 0.79 37.40 11.32
N PRO B 56 1.36 36.64 10.38
CA PRO B 56 0.65 36.03 9.26
C PRO B 56 -0.29 34.90 9.72
N PRO B 57 -1.18 34.45 8.84
CA PRO B 57 -2.12 33.38 9.20
C PRO B 57 -1.40 32.06 9.48
N SER B 58 -2.05 31.21 10.28
CA SER B 58 -1.49 29.91 10.61
C SER B 58 -1.18 29.11 9.34
N GLY B 59 -0.10 28.34 9.39
CA GLY B 59 0.31 27.55 8.25
C GLY B 59 1.29 28.23 7.32
N THR B 60 1.71 29.46 7.64
CA THR B 60 2.71 30.17 6.84
C THR B 60 4.11 29.84 7.32
N ALA B 61 5.00 29.54 6.39
CA ALA B 61 6.42 29.40 6.72
C ALA B 61 6.98 30.73 7.21
N LEU B 62 7.64 30.71 8.37
CA LEU B 62 8.15 31.94 8.99
C LEU B 62 9.38 32.49 8.25
N HIS B 63 10.20 31.61 7.69
CA HIS B 63 11.43 32.03 7.01
C HIS B 63 11.43 31.36 5.64
N LEU B 64 10.75 32.00 4.70
CA LEU B 64 10.63 31.46 3.35
C LEU B 64 11.93 31.72 2.60
N SER B 65 12.43 30.71 1.92
CA SER B 65 13.68 30.83 1.19
C SER B 65 13.69 29.81 0.07
N PRO B 66 14.76 29.75 -0.75
CA PRO B 66 14.79 28.78 -1.84
C PRO B 66 14.76 27.33 -1.38
N SER B 67 15.21 27.03 -0.15
CA SER B 67 15.22 25.66 0.36
C SER B 67 13.94 25.27 1.11
N THR B 68 13.02 26.21 1.34
CA THR B 68 11.74 25.88 1.92
C THR B 68 11.05 24.81 1.07
N PRO B 69 10.63 23.68 1.65
CA PRO B 69 9.96 22.66 0.86
C PRO B 69 8.79 23.25 0.09
N LYS B 70 8.54 22.70 -1.10
CA LYS B 70 7.46 23.22 -1.94
C LYS B 70 6.13 23.16 -1.21
N LEU B 71 5.91 22.16 -0.36
CA LEU B 71 4.67 22.05 0.45
C LEU B 71 4.37 23.34 1.23
N PHE B 72 5.40 24.05 1.68
CA PHE B 72 5.21 25.26 2.52
C PHE B 72 5.60 26.51 1.73
N THR B 73 5.55 26.41 0.41
CA THR B 73 5.82 27.57 -0.47
C THR B 73 4.48 28.10 -0.99
N PRO B 74 4.25 29.41 -1.03
CA PRO B 74 2.99 29.96 -1.49
C PRO B 74 2.53 29.61 -2.91
N LEU B 75 1.21 29.51 -3.11
CA LEU B 75 0.65 29.27 -4.45
C LEU B 75 -0.34 30.37 -4.82
N LYS B 76 -0.12 31.01 -5.96
CA LYS B 76 -1.04 32.05 -6.45
C LYS B 76 -2.02 31.46 -7.45
N ILE B 77 -3.30 31.75 -7.28
CA ILE B 77 -4.35 31.31 -8.20
C ILE B 77 -5.25 32.52 -8.41
N ARG B 78 -5.15 33.16 -9.57
CA ARG B 78 -5.84 34.42 -9.84
C ARG B 78 -5.48 35.39 -8.72
N SER B 79 -6.45 36.00 -8.03
CA SER B 79 -6.13 37.02 -7.04
C SER B 79 -5.78 36.46 -5.66
N LEU B 80 -5.82 35.14 -5.46
CA LEU B 80 -5.60 34.54 -4.15
C LEU B 80 -4.18 34.04 -4.00
N THR B 81 -3.66 34.09 -2.79
CA THR B 81 -2.39 33.44 -2.46
C THR B 81 -2.63 32.45 -1.32
N LEU B 82 -2.54 31.16 -1.62
CA LEU B 82 -2.54 30.12 -0.60
C LEU B 82 -1.22 30.13 0.13
N GLN B 83 -1.25 30.14 1.47
CA GLN B 83 0.01 30.26 2.19
C GLN B 83 0.80 28.96 2.22
N ASN B 84 0.14 27.81 2.03
CA ASN B 84 0.84 26.56 1.78
C ASN B 84 0.02 25.74 0.79
N ARG B 85 0.48 24.53 0.50
CA ARG B 85 -0.11 23.72 -0.55
C ARG B 85 -0.81 22.48 0.00
N ILE B 86 -1.21 22.53 1.26
CA ILE B 86 -2.03 21.47 1.85
C ILE B 86 -3.47 21.97 1.88
N MET B 87 -4.37 21.26 1.21
CA MET B 87 -5.77 21.62 1.15
C MET B 87 -6.61 20.63 1.95
N LEU B 88 -7.56 21.15 2.73
CA LEU B 88 -8.53 20.31 3.41
C LEU B 88 -9.56 19.88 2.39
N SER B 89 -9.57 18.59 2.03
CA SER B 89 -10.50 18.07 1.05
C SER B 89 -11.94 18.22 1.55
N PRO B 90 -12.90 18.38 0.64
CA PRO B 90 -14.31 18.40 1.08
C PRO B 90 -14.73 17.07 1.68
N MET B 91 -15.49 17.13 2.78
CA MET B 91 -15.89 15.91 3.51
C MET B 91 -17.34 16.03 4.02
N CYS B 92 -18.25 15.31 3.34
CA CYS B 92 -19.63 15.21 3.81
C CYS B 92 -19.68 14.76 5.26
N GLN B 93 -20.55 15.41 6.03
CA GLN B 93 -20.73 15.08 7.44
C GLN B 93 -22.06 14.40 7.74
N TYR B 94 -23.00 14.38 6.80
CA TYR B 94 -24.33 13.81 7.03
C TYR B 94 -24.94 14.30 8.34
N SER B 95 -24.76 15.59 8.62
CA SER B 95 -25.20 16.15 9.88
C SER B 95 -26.00 17.43 9.68
N ALA B 96 -26.50 17.67 8.49
CA ALA B 96 -27.19 18.92 8.23
C ALA B 96 -28.68 18.76 8.51
N SER B 97 -29.34 19.90 8.69
CA SER B 97 -30.75 19.98 9.02
C SER B 97 -31.46 20.64 7.84
N ASN B 98 -32.22 19.86 7.08
CA ASN B 98 -32.88 20.39 5.89
C ASN B 98 -31.89 21.22 5.06
N GLY B 99 -30.67 20.71 4.93
CA GLY B 99 -29.61 21.34 4.18
C GLY B 99 -28.84 22.42 4.91
N HIS B 100 -29.21 22.70 6.14
CA HIS B 100 -28.58 23.79 6.89
C HIS B 100 -27.44 23.29 7.77
N PHE B 101 -26.37 24.05 7.79
CA PHE B 101 -25.25 23.76 8.69
C PHE B 101 -25.70 23.94 10.15
N THR B 102 -25.04 23.25 11.07
CA THR B 102 -25.36 23.26 12.50
C THR B 102 -24.09 23.59 13.29
N PRO B 103 -24.12 23.66 14.63
CA PRO B 103 -22.90 23.78 15.41
C PRO B 103 -21.94 22.60 15.19
N TRP B 104 -22.42 21.48 14.66
CA TRP B 104 -21.50 20.40 14.33
C TRP B 104 -20.49 20.83 13.28
N HIS B 105 -20.98 21.47 12.22
CA HIS B 105 -20.09 21.93 11.15
C HIS B 105 -19.14 23.04 11.62
N MET B 106 -19.55 23.86 12.61
CA MET B 106 -18.64 24.88 13.10
C MET B 106 -17.51 24.27 13.91
N ALA B 107 -17.80 23.24 14.70
CA ALA B 107 -16.75 22.57 15.47
C ALA B 107 -15.78 21.85 14.54
N HIS B 108 -16.32 21.12 13.57
CA HIS B 108 -15.49 20.36 12.63
C HIS B 108 -14.60 21.29 11.79
N LEU B 109 -15.21 22.17 10.98
CA LEU B 109 -14.42 23.04 10.10
C LEU B 109 -13.54 24.02 10.88
N GLY B 110 -14.13 24.74 11.83
CA GLY B 110 -13.35 25.71 12.62
C GLY B 110 -12.18 25.08 13.35
N GLY B 111 -12.35 23.86 13.83
CA GLY B 111 -11.22 23.16 14.42
C GLY B 111 -10.05 23.03 13.46
N ILE B 112 -10.33 22.72 12.19
CA ILE B 112 -9.28 22.47 11.20
C ILE B 112 -8.81 23.77 10.55
N ILE B 113 -9.75 24.64 10.20
CA ILE B 113 -9.40 25.91 9.58
C ILE B 113 -8.49 26.72 10.49
N SER B 114 -8.78 26.72 11.79
CA SER B 114 -7.95 27.54 12.67
C SER B 114 -6.52 27.04 12.77
N ARG B 115 -6.21 25.90 12.16
CA ARG B 115 -4.86 25.32 12.20
C ARG B 115 -4.19 25.30 10.81
N GLY B 116 -4.68 26.09 9.85
CA GLY B 116 -3.86 26.57 8.75
C GLY B 116 -3.69 25.77 7.45
N PRO B 117 -4.69 25.02 7.01
CA PRO B 117 -4.63 24.50 5.63
C PRO B 117 -4.55 25.68 4.66
N GLY B 118 -3.84 25.46 3.54
CA GLY B 118 -3.71 26.54 2.56
C GLY B 118 -5.05 26.96 1.99
N LEU B 119 -5.91 25.97 1.70
CA LEU B 119 -7.30 26.19 1.32
C LEU B 119 -8.15 25.14 2.02
N SER B 120 -9.28 25.55 2.61
CA SER B 120 -10.23 24.63 3.21
C SER B 120 -11.48 24.58 2.34
N MET B 121 -11.89 23.38 1.95
CA MET B 121 -13.09 23.21 1.09
C MET B 121 -14.26 22.61 1.87
N VAL B 122 -15.40 23.27 1.82
CA VAL B 122 -16.65 22.76 2.45
C VAL B 122 -17.16 21.55 1.66
N GLU B 123 -17.84 20.64 2.32
CA GLU B 123 -18.41 19.40 1.73
C GLU B 123 -19.32 19.61 0.53
N ALA B 124 -19.51 18.55 -0.23
CA ALA B 124 -20.44 18.57 -1.36
C ALA B 124 -21.78 19.18 -0.94
N THR B 125 -22.19 20.24 -1.58
CA THR B 125 -23.40 21.00 -1.22
C THR B 125 -24.35 20.96 -2.43
N SER B 126 -25.51 20.33 -2.27
CA SER B 126 -26.47 20.19 -3.38
C SER B 126 -27.15 21.50 -3.73
N VAL B 127 -27.30 21.73 -5.02
CA VAL B 127 -28.02 22.93 -5.44
C VAL B 127 -29.52 22.72 -5.55
N LEU B 128 -30.01 21.49 -5.36
CA LEU B 128 -31.43 21.16 -5.41
C LEU B 128 -31.73 20.15 -4.31
N PRO B 129 -32.89 20.22 -3.68
CA PRO B 129 -33.21 19.25 -2.61
C PRO B 129 -33.00 17.80 -3.05
N GLU B 130 -33.43 17.44 -4.26
CA GLU B 130 -33.32 16.06 -4.72
C GLU B 130 -31.92 15.71 -5.19
N GLY B 131 -30.99 16.66 -5.20
CA GLY B 131 -29.61 16.33 -5.55
C GLY B 131 -28.79 15.95 -4.33
N ARG B 132 -29.41 15.92 -3.18
CA ARG B 132 -28.69 15.51 -1.96
C ARG B 132 -28.32 14.02 -2.01
N ILE B 133 -27.16 13.68 -1.46
CA ILE B 133 -26.75 12.25 -1.35
C ILE B 133 -27.60 11.59 -0.27
N THR B 134 -27.82 12.30 0.83
CA THR B 134 -28.61 11.77 1.97
C THR B 134 -29.57 12.85 2.46
N PRO B 135 -30.62 12.56 3.29
CA PRO B 135 -31.47 13.60 3.85
C PRO B 135 -30.77 14.55 4.83
N GLU B 136 -29.52 14.29 5.17
CA GLU B 136 -28.75 15.15 6.09
C GLU B 136 -27.56 15.79 5.37
N ASP B 137 -27.61 15.85 4.05
CA ASP B 137 -26.54 16.48 3.26
C ASP B 137 -26.64 18.00 3.27
N SER B 138 -25.53 18.68 3.03
CA SER B 138 -25.52 20.15 2.91
C SER B 138 -26.27 20.57 1.65
N GLY B 139 -26.91 21.73 1.70
CA GLY B 139 -27.67 22.26 0.56
C GLY B 139 -27.57 23.76 0.39
N LEU B 140 -27.87 24.26 -0.80
CA LEU B 140 -27.79 25.71 -1.10
C LEU B 140 -28.94 26.10 -2.04
N TRP B 141 -30.13 25.56 -1.79
CA TRP B 141 -31.29 26.01 -2.54
C TRP B 141 -32.11 27.06 -1.79
N LEU B 142 -31.69 27.44 -0.59
CA LEU B 142 -32.39 28.40 0.25
C LEU B 142 -31.44 29.52 0.65
N ASP B 143 -31.94 30.75 0.72
CA ASP B 143 -31.13 31.84 1.28
C ASP B 143 -30.70 31.55 2.71
N SER B 144 -31.57 30.91 3.51
CA SER B 144 -31.20 30.64 4.90
C SER B 144 -30.05 29.64 5.02
N GLN B 145 -29.88 28.74 4.05
CA GLN B 145 -28.70 27.89 4.06
C GLN B 145 -27.43 28.70 3.82
N GLY B 146 -27.48 29.67 2.90
CA GLY B 146 -26.35 30.55 2.69
C GLY B 146 -25.99 31.34 3.93
N ASP B 147 -26.98 31.75 4.71
CA ASP B 147 -26.70 32.47 5.96
C ASP B 147 -25.98 31.58 6.97
N LYS B 148 -26.35 30.30 7.06
CA LYS B 148 -25.61 29.43 7.98
C LYS B 148 -24.17 29.24 7.50
N LEU B 149 -23.97 29.09 6.19
CA LEU B 149 -22.62 28.97 5.63
C LEU B 149 -21.78 30.21 5.93
N LYS B 150 -22.40 31.39 5.92
CA LYS B 150 -21.66 32.61 6.13
C LYS B 150 -20.96 32.62 7.49
N GLU B 151 -21.59 32.07 8.52
CA GLU B 151 -20.97 32.04 9.84
C GLU B 151 -19.65 31.30 9.79
N VAL B 152 -19.58 30.20 9.03
CA VAL B 152 -18.34 29.45 8.94
C VAL B 152 -17.29 30.21 8.14
N VAL B 153 -17.68 30.84 7.04
CA VAL B 153 -16.66 31.56 6.27
C VAL B 153 -16.22 32.80 7.04
N GLN B 154 -17.12 33.40 7.83
CA GLN B 154 -16.73 34.53 8.67
C GLN B 154 -15.69 34.10 9.69
N PHE B 155 -15.85 32.91 10.29
CA PHE B 155 -14.82 32.43 11.19
C PHE B 155 -13.51 32.21 10.45
N ALA B 156 -13.55 31.62 9.25
CA ALA B 156 -12.34 31.40 8.47
C ALA B 156 -11.64 32.72 8.17
N HIS B 157 -12.41 33.72 7.72
CA HIS B 157 -11.84 35.01 7.41
C HIS B 157 -11.26 35.69 8.65
N SER B 158 -11.88 35.48 9.81
CA SER B 158 -11.33 36.08 11.02
C SER B 158 -9.94 35.54 11.34
N GLN B 159 -9.57 34.41 10.76
CA GLN B 159 -8.25 33.80 10.92
C GLN B 159 -7.35 34.07 9.75
N GLY B 160 -7.78 34.89 8.80
CA GLY B 160 -6.97 35.12 7.62
C GLY B 160 -6.83 33.91 6.73
N GLN B 161 -7.77 32.97 6.78
CA GLN B 161 -7.73 31.74 5.98
C GLN B 161 -8.69 31.81 4.79
N LEU B 162 -8.39 31.05 3.75
CA LEU B 162 -9.25 30.94 2.57
C LEU B 162 -10.15 29.70 2.69
N ILE B 163 -11.40 29.82 2.22
CA ILE B 163 -12.37 28.74 2.31
C ILE B 163 -13.17 28.65 1.00
N GLY B 164 -13.32 27.42 0.49
CA GLY B 164 -14.06 27.18 -0.73
C GLY B 164 -15.31 26.36 -0.47
N ILE B 165 -16.17 26.29 -1.48
CA ILE B 165 -17.34 25.42 -1.41
C ILE B 165 -17.36 24.57 -2.66
N GLN B 166 -17.62 23.27 -2.46
CA GLN B 166 -17.87 22.31 -3.53
C GLN B 166 -19.38 22.24 -3.78
N LEU B 167 -19.82 22.58 -4.98
CA LEU B 167 -21.22 22.51 -5.35
C LEU B 167 -21.47 21.23 -6.15
N SER B 168 -22.68 20.69 -6.05
CA SER B 168 -22.90 19.37 -6.65
C SER B 168 -24.38 19.05 -6.77
N HIS B 169 -24.63 17.84 -7.28
CA HIS B 169 -25.95 17.23 -7.41
C HIS B 169 -25.67 15.73 -7.56
N ALA B 170 -26.31 14.92 -6.71
CA ALA B 170 -25.91 13.52 -6.58
C ALA B 170 -26.43 12.63 -7.70
N GLY B 171 -27.30 13.15 -8.57
CA GLY B 171 -27.80 12.34 -9.68
C GLY B 171 -28.38 11.02 -9.21
N ARG B 172 -28.00 9.93 -9.90
CA ARG B 172 -28.61 8.63 -9.63
C ARG B 172 -28.15 8.03 -8.31
N LYS B 173 -27.18 8.64 -7.62
CA LYS B 173 -26.74 8.15 -6.32
C LYS B 173 -27.39 8.91 -5.17
N ALA B 174 -28.43 9.69 -5.44
CA ALA B 174 -29.13 10.49 -4.45
C ALA B 174 -30.04 9.64 -3.55
N SER B 175 -30.51 10.27 -2.48
CA SER B 175 -31.53 9.71 -1.61
C SER B 175 -31.12 8.39 -0.95
N MET B 176 -29.85 8.29 -0.55
CA MET B 176 -29.34 7.20 0.27
C MET B 176 -29.37 7.59 1.75
N VAL B 177 -29.02 6.62 2.61
CA VAL B 177 -28.89 6.85 4.04
C VAL B 177 -27.42 7.09 4.35
N ALA B 178 -27.18 7.74 5.48
CA ALA B 178 -25.82 8.02 5.91
C ALA B 178 -25.02 6.72 5.97
N PRO B 179 -23.74 6.73 5.59
CA PRO B 179 -23.02 5.47 5.37
C PRO B 179 -22.61 4.74 6.64
N TRP B 180 -22.64 5.38 7.81
CA TRP B 180 -22.49 4.60 9.04
C TRP B 180 -23.75 3.82 9.39
N LEU B 181 -24.89 4.16 8.79
CA LEU B 181 -26.12 3.38 8.95
C LEU B 181 -26.13 2.12 8.09
N ASP B 182 -25.56 2.20 6.89
CA ASP B 182 -25.46 1.10 5.94
C ASP B 182 -24.63 1.57 4.77
N ARG B 183 -23.65 0.77 4.34
CA ARG B 183 -22.75 1.22 3.28
C ARG B 183 -23.52 1.64 2.04
N SER B 184 -24.65 1.00 1.77
CA SER B 184 -25.37 1.29 0.53
C SER B 184 -26.80 0.80 0.66
N ALA B 185 -27.68 1.67 1.18
CA ALA B 185 -29.11 1.40 1.25
C ALA B 185 -29.86 2.69 1.01
N VAL B 186 -31.09 2.57 0.53
CA VAL B 186 -31.89 3.71 0.11
C VAL B 186 -32.62 4.29 1.32
N ALA B 187 -32.80 5.60 1.29
CA ALA B 187 -33.70 6.27 2.22
C ALA B 187 -35.12 6.14 1.69
N THR B 188 -35.96 5.39 2.40
CA THR B 188 -37.37 5.31 2.06
C THR B 188 -38.03 6.67 2.24
N GLU B 189 -39.23 6.83 1.65
CA GLU B 189 -40.00 8.05 1.90
C GLU B 189 -40.21 8.26 3.41
N GLU B 190 -40.43 7.18 4.16
CA GLU B 190 -40.62 7.30 5.60
C GLU B 190 -39.40 7.91 6.28
N ALA B 191 -38.22 7.50 5.86
CA ALA B 191 -36.97 7.98 6.45
C ALA B 191 -36.51 9.31 5.86
N GLY B 192 -37.35 9.99 5.08
CA GLY B 192 -37.01 11.28 4.51
C GLY B 192 -36.44 11.28 3.10
N GLY B 193 -36.47 10.13 2.40
CA GLY B 193 -36.00 10.04 1.03
C GLY B 193 -36.99 10.60 0.01
N TRP B 194 -36.59 10.53 -1.27
CA TRP B 194 -37.37 11.09 -2.37
C TRP B 194 -37.26 10.19 -3.60
N PRO B 195 -37.75 8.95 -3.51
CA PRO B 195 -37.51 7.97 -4.59
C PRO B 195 -38.08 8.35 -5.94
N THR B 196 -39.23 9.03 -5.98
CA THR B 196 -39.81 9.42 -7.26
C THR B 196 -39.15 10.66 -7.87
N LYS B 197 -38.06 11.18 -7.30
CA LYS B 197 -37.44 12.40 -7.80
C LYS B 197 -35.93 12.25 -8.06
N VAL B 198 -35.41 11.03 -8.01
CA VAL B 198 -34.00 10.79 -8.34
C VAL B 198 -33.82 10.85 -9.85
N LYS B 199 -32.80 11.57 -10.30
CA LYS B 199 -32.61 11.95 -11.69
C LYS B 199 -31.18 11.68 -12.13
N GLY B 200 -31.02 11.25 -13.36
CA GLY B 200 -29.72 11.07 -13.96
C GLY B 200 -29.79 11.29 -15.46
N PRO B 201 -28.64 11.25 -16.13
CA PRO B 201 -28.67 11.37 -17.59
C PRO B 201 -29.49 10.28 -18.26
N SER B 202 -29.58 9.10 -17.65
CA SER B 202 -30.26 7.95 -18.23
C SER B 202 -30.93 7.15 -17.12
N ALA B 203 -31.90 6.33 -17.51
CA ALA B 203 -32.63 5.50 -16.56
C ALA B 203 -31.91 4.17 -16.34
N ILE B 204 -30.68 4.27 -15.87
CA ILE B 204 -29.87 3.12 -15.54
C ILE B 204 -29.46 3.23 -14.07
N PRO B 205 -29.89 2.33 -13.20
CA PRO B 205 -29.47 2.39 -11.80
C PRO B 205 -27.98 2.17 -11.66
N TYR B 206 -27.43 2.71 -10.57
CA TYR B 206 -26.05 2.39 -10.21
C TYR B 206 -25.90 0.90 -9.90
N ASP B 207 -26.83 0.35 -9.12
CA ASP B 207 -26.91 -1.08 -8.86
C ASP B 207 -28.24 -1.35 -8.16
N GLU B 208 -28.43 -2.59 -7.71
CA GLU B 208 -29.70 -3.03 -7.13
C GLU B 208 -29.99 -2.37 -5.78
N HIS B 209 -28.96 -1.85 -5.09
CA HIS B 209 -29.16 -1.20 -3.80
C HIS B 209 -29.57 0.26 -3.92
N HIS B 210 -29.47 0.86 -5.11
CA HIS B 210 -29.85 2.25 -5.35
C HIS B 210 -31.20 2.34 -6.04
N TYR B 211 -31.78 3.53 -6.03
CA TYR B 211 -33.01 3.80 -6.77
C TYR B 211 -32.73 3.84 -8.26
N LYS B 212 -33.75 3.55 -9.04
CA LYS B 212 -33.67 3.68 -10.49
C LYS B 212 -34.01 5.11 -10.89
N PRO B 213 -33.12 5.81 -11.57
CA PRO B 213 -33.38 7.22 -11.88
C PRO B 213 -34.29 7.43 -13.08
N SER B 214 -35.00 8.55 -13.07
CA SER B 214 -35.55 9.10 -14.30
C SER B 214 -34.43 9.69 -15.15
N ALA B 215 -34.57 9.54 -16.47
CA ALA B 215 -33.68 10.22 -17.41
C ALA B 215 -34.08 11.70 -17.50
N MET B 216 -33.12 12.59 -17.25
CA MET B 216 -33.42 14.03 -17.28
C MET B 216 -33.89 14.50 -18.65
N THR B 217 -35.03 15.18 -18.67
CA THR B 217 -35.47 15.90 -19.86
C THR B 217 -34.67 17.18 -20.03
N LEU B 218 -34.82 17.83 -21.18
CA LEU B 218 -34.15 19.11 -21.37
C LEU B 218 -34.61 20.13 -20.34
N GLU B 219 -35.89 20.08 -19.99
CA GLU B 219 -36.42 20.93 -18.92
C GLU B 219 -35.73 20.65 -17.59
N ASP B 220 -35.60 19.37 -17.22
CA ASP B 220 -34.87 19.05 -15.99
C ASP B 220 -33.44 19.56 -16.06
N ILE B 221 -32.80 19.47 -17.24
CA ILE B 221 -31.43 19.96 -17.38
C ILE B 221 -31.40 21.46 -17.19
N GLN B 222 -32.40 22.17 -17.72
CA GLN B 222 -32.39 23.61 -17.60
C GLN B 222 -32.64 24.08 -16.17
N GLU B 223 -33.45 23.36 -15.39
CA GLU B 223 -33.61 23.85 -14.02
C GLU B 223 -32.48 23.40 -13.10
N PHE B 224 -31.72 22.37 -13.47
CA PHE B 224 -30.43 22.14 -12.82
C PHE B 224 -29.49 23.33 -13.04
N LYS B 225 -29.40 23.81 -14.29
CA LYS B 225 -28.55 24.95 -14.61
C LYS B 225 -29.01 26.22 -13.91
N ASP B 226 -30.33 26.46 -13.85
CA ASP B 226 -30.85 27.62 -13.12
C ASP B 226 -30.55 27.50 -11.63
N ALA B 227 -30.78 26.32 -11.06
CA ALA B 227 -30.46 26.10 -9.65
C ALA B 227 -28.98 26.31 -9.39
N TRP B 228 -28.14 25.91 -10.35
CA TRP B 228 -26.70 26.11 -10.18
C TRP B 228 -26.37 27.60 -10.15
N ALA B 229 -26.95 28.37 -11.06
CA ALA B 229 -26.75 29.82 -11.03
C ALA B 229 -27.22 30.39 -9.70
N ALA B 230 -28.37 29.95 -9.20
CA ALA B 230 -28.87 30.50 -7.94
C ALA B 230 -27.98 30.12 -6.76
N SER B 231 -27.42 28.91 -6.76
CA SER B 231 -26.57 28.54 -5.65
C SER B 231 -25.28 29.36 -5.65
N LEU B 232 -24.70 29.60 -6.83
CA LEU B 232 -23.49 30.43 -6.92
C LEU B 232 -23.70 31.79 -6.27
N LYS B 233 -24.82 32.45 -6.59
CA LYS B 233 -25.09 33.76 -6.01
C LYS B 233 -25.15 33.70 -4.50
N ARG B 234 -25.76 32.65 -3.94
CA ARG B 234 -25.75 32.49 -2.50
C ARG B 234 -24.34 32.24 -1.97
N ALA B 235 -23.54 31.49 -2.73
CA ALA B 235 -22.18 31.21 -2.31
C ALA B 235 -21.32 32.48 -2.30
N LEU B 236 -21.51 33.37 -3.28
CA LEU B 236 -20.79 34.65 -3.27
C LEU B 236 -21.22 35.51 -2.09
N LYS B 237 -22.53 35.62 -1.87
CA LYS B 237 -23.03 36.45 -0.78
C LYS B 237 -22.60 35.93 0.59
N ALA B 238 -22.33 34.62 0.71
CA ALA B 238 -21.79 34.11 1.96
C ALA B 238 -20.31 34.41 2.11
N GLY B 239 -19.62 34.74 1.03
CA GLY B 239 -18.25 35.20 1.07
C GLY B 239 -17.17 34.19 0.72
N PHE B 240 -17.53 33.08 0.09
CA PHE B 240 -16.51 32.07 -0.22
C PHE B 240 -15.45 32.64 -1.16
N ASP B 241 -14.24 32.11 -1.01
CA ASP B 241 -13.12 32.58 -1.83
C ASP B 241 -12.95 31.78 -3.12
N VAL B 242 -13.33 30.50 -3.14
CA VAL B 242 -13.26 29.72 -4.37
C VAL B 242 -14.44 28.75 -4.47
N ILE B 243 -14.84 28.50 -5.72
CA ILE B 243 -15.90 27.54 -6.04
C ILE B 243 -15.26 26.31 -6.64
N GLU B 244 -15.71 25.13 -6.22
CA GLU B 244 -15.30 23.89 -6.86
C GLU B 244 -16.51 23.18 -7.44
N ILE B 245 -16.41 22.80 -8.72
CA ILE B 245 -17.44 22.00 -9.40
C ILE B 245 -17.20 20.52 -9.10
N HIS B 246 -18.24 19.85 -8.67
CA HIS B 246 -18.14 18.39 -8.38
C HIS B 246 -18.45 17.58 -9.65
N ASN B 247 -17.42 17.12 -10.34
CA ASN B 247 -17.56 16.26 -11.53
C ASN B 247 -17.01 14.87 -11.25
N ALA B 248 -17.12 14.38 -10.03
CA ALA B 248 -16.55 13.06 -9.70
C ALA B 248 -17.48 12.19 -8.88
N HIS B 249 -17.01 10.98 -8.58
CA HIS B 249 -17.61 10.06 -7.62
C HIS B 249 -19.04 9.65 -8.00
N GLY B 250 -19.26 9.48 -9.31
CA GLY B 250 -20.51 8.95 -9.80
C GLY B 250 -21.72 9.85 -9.61
N TYR B 251 -21.51 11.13 -9.30
CA TYR B 251 -22.61 12.07 -9.14
C TYR B 251 -23.06 12.58 -10.52
N LEU B 252 -23.97 13.55 -10.55
CA LEU B 252 -24.67 13.89 -11.78
C LEU B 252 -23.70 14.14 -12.93
N LEU B 253 -22.70 15.00 -12.71
CA LEU B 253 -21.86 15.44 -13.83
C LEU B 253 -20.92 14.33 -14.28
N HIS B 254 -20.31 13.62 -13.33
CA HIS B 254 -19.57 12.42 -13.69
C HIS B 254 -20.45 11.45 -14.47
N GLU B 255 -21.72 11.33 -14.09
CA GLU B 255 -22.62 10.44 -14.81
C GLU B 255 -22.76 10.83 -16.27
N PHE B 256 -22.78 12.14 -16.56
CA PHE B 256 -22.94 12.59 -17.94
C PHE B 256 -21.70 12.29 -18.77
N VAL B 257 -20.50 12.42 -18.19
CA VAL B 257 -19.29 12.27 -19.01
C VAL B 257 -19.02 10.80 -19.32
N SER B 258 -19.32 9.89 -18.41
CA SER B 258 -18.99 8.48 -18.63
C SER B 258 -20.00 7.83 -19.56
N PRO B 259 -19.56 7.17 -20.63
CA PRO B 259 -20.51 6.49 -21.53
C PRO B 259 -21.17 5.27 -20.90
N VAL B 260 -20.76 4.88 -19.69
CA VAL B 260 -21.35 3.74 -19.02
C VAL B 260 -22.60 4.15 -18.27
N SER B 261 -22.63 5.37 -17.76
CA SER B 261 -23.83 5.88 -17.11
C SER B 261 -24.69 6.71 -18.04
N ASN B 262 -24.12 7.19 -19.13
CA ASN B 262 -24.85 8.11 -20.05
C ASN B 262 -25.14 7.46 -21.39
N LYS B 263 -26.37 7.02 -21.60
CA LYS B 263 -26.78 6.39 -22.89
C LYS B 263 -27.79 7.28 -23.60
N ARG B 264 -27.60 8.59 -23.53
CA ARG B 264 -28.55 9.52 -24.18
C ARG B 264 -28.25 9.66 -25.68
N THR B 265 -29.24 10.08 -26.45
CA THR B 265 -29.13 10.15 -27.92
C THR B 265 -29.32 11.59 -28.37
N ASP B 266 -29.50 12.52 -27.44
CA ASP B 266 -29.62 13.95 -27.77
C ASP B 266 -28.24 14.62 -27.79
N GLN B 267 -28.21 15.94 -27.65
CA GLN B 267 -26.92 16.69 -27.64
C GLN B 267 -26.10 16.42 -26.36
N TYR B 268 -26.66 15.73 -25.38
CA TYR B 268 -25.89 15.43 -24.17
C TYR B 268 -25.40 14.00 -24.12
N GLY B 269 -25.57 13.23 -25.19
CA GLY B 269 -25.10 11.87 -25.23
C GLY B 269 -24.43 11.56 -26.55
N GLY B 270 -23.69 10.46 -26.57
CA GLY B 270 -23.02 9.99 -27.76
C GLY B 270 -21.53 10.22 -27.74
N SER B 271 -21.09 11.14 -28.60
CA SER B 271 -19.67 11.45 -28.75
C SER B 271 -19.10 12.02 -27.47
N PHE B 272 -17.76 12.16 -27.46
CA PHE B 272 -17.08 12.73 -26.31
C PHE B 272 -17.52 14.17 -26.06
N GLU B 273 -17.67 14.97 -27.11
CA GLU B 273 -18.02 16.38 -26.88
C GLU B 273 -19.46 16.52 -26.38
N ASN B 274 -20.35 15.64 -26.80
CA ASN B 274 -21.71 15.68 -26.25
C ASN B 274 -21.74 15.29 -24.77
N ARG B 275 -20.87 14.37 -24.37
CA ARG B 275 -20.90 13.86 -23.00
C ARG B 275 -20.36 14.88 -22.01
N ILE B 276 -19.41 15.72 -22.44
CA ILE B 276 -18.90 16.77 -21.58
C ILE B 276 -19.69 18.07 -21.72
N ARG B 277 -20.72 18.10 -22.58
CA ARG B 277 -21.42 19.35 -22.87
C ARG B 277 -21.98 19.97 -21.61
N LEU B 278 -22.61 19.17 -20.74
CA LEU B 278 -23.20 19.74 -19.52
C LEU B 278 -22.13 20.35 -18.63
N THR B 279 -21.02 19.62 -18.42
CA THR B 279 -19.90 20.19 -17.67
C THR B 279 -19.45 21.53 -18.26
N LEU B 280 -19.37 21.63 -19.59
CA LEU B 280 -18.96 22.91 -20.19
C LEU B 280 -20.02 24.00 -20.01
N GLU B 281 -21.31 23.65 -20.06
CA GLU B 281 -22.32 24.67 -19.81
C GLU B 281 -22.29 25.16 -18.36
N ILE B 282 -21.96 24.27 -17.42
CA ILE B 282 -21.87 24.67 -16.01
C ILE B 282 -20.64 25.53 -15.79
N VAL B 283 -19.52 25.19 -16.45
CA VAL B 283 -18.33 26.02 -16.33
C VAL B 283 -18.59 27.42 -16.88
N GLU B 284 -19.26 27.51 -18.03
CA GLU B 284 -19.54 28.83 -18.61
C GLU B 284 -20.47 29.64 -17.70
N ILE B 285 -21.53 29.00 -17.20
CA ILE B 285 -22.42 29.64 -16.22
C ILE B 285 -21.59 30.21 -15.07
N THR B 286 -20.72 29.39 -14.51
CA THR B 286 -19.98 29.82 -13.33
C THR B 286 -19.11 31.03 -13.65
N ARG B 287 -18.37 30.97 -14.76
CA ARG B 287 -17.50 32.10 -15.12
C ARG B 287 -18.27 33.37 -15.50
N LYS B 288 -19.56 33.28 -15.81
CA LYS B 288 -20.31 34.51 -16.03
C LYS B 288 -20.74 35.15 -14.72
N ILE B 289 -20.87 34.36 -13.66
CA ILE B 289 -21.45 34.84 -12.41
C ILE B 289 -20.38 35.19 -11.39
N ILE B 290 -19.31 34.39 -11.26
CA ILE B 290 -18.32 34.66 -10.23
C ILE B 290 -17.30 35.66 -10.75
N PRO B 291 -16.69 36.45 -9.89
CA PRO B 291 -15.71 37.44 -10.35
C PRO B 291 -14.54 36.78 -11.05
N GLU B 292 -13.96 37.50 -12.03
CA GLU B 292 -12.77 36.98 -12.71
C GLU B 292 -11.56 36.87 -11.77
N SER B 293 -11.57 37.58 -10.64
CA SER B 293 -10.54 37.42 -9.63
C SER B 293 -10.69 36.14 -8.79
N MET B 294 -11.79 35.38 -8.95
CA MET B 294 -12.01 34.23 -8.07
C MET B 294 -11.61 32.92 -8.74
N PRO B 295 -10.86 32.05 -8.07
CA PRO B 295 -10.50 30.77 -8.71
C PRO B 295 -11.67 29.82 -8.79
N LEU B 296 -11.64 28.99 -9.83
CA LEU B 296 -12.63 27.94 -10.06
C LEU B 296 -11.92 26.60 -10.12
N PHE B 297 -12.27 25.69 -9.23
CA PHE B 297 -11.76 24.33 -9.25
C PHE B 297 -12.78 23.39 -9.87
N LEU B 298 -12.30 22.29 -10.42
CA LEU B 298 -13.15 21.22 -10.88
C LEU B 298 -12.54 19.90 -10.44
N ARG B 299 -13.34 19.05 -9.78
CA ARG B 299 -12.89 17.74 -9.35
C ARG B 299 -13.46 16.69 -10.30
N ILE B 300 -12.58 15.90 -10.94
CA ILE B 300 -13.01 14.79 -11.80
C ILE B 300 -12.71 13.47 -11.12
N SER B 301 -13.41 12.44 -11.56
CA SER B 301 -12.92 11.08 -11.40
C SER B 301 -12.04 10.82 -12.62
N ALA B 302 -10.76 10.61 -12.37
CA ALA B 302 -9.84 10.44 -13.48
C ALA B 302 -10.21 9.25 -14.34
N THR B 303 -10.87 8.25 -13.75
CA THR B 303 -11.28 7.04 -14.47
C THR B 303 -12.40 6.37 -13.69
N ASP B 304 -13.21 5.59 -14.43
CA ASP B 304 -14.21 4.69 -13.88
C ASP B 304 -13.60 3.42 -13.28
N TRP B 305 -12.28 3.21 -13.41
CA TRP B 305 -11.64 1.93 -13.09
C TRP B 305 -12.33 0.75 -13.78
N LEU B 306 -12.88 0.98 -14.97
CA LEU B 306 -13.49 -0.07 -15.78
C LEU B 306 -12.61 -0.44 -16.97
N ASP B 307 -11.35 -0.06 -16.90
CA ASP B 307 -10.45 -0.16 -18.05
C ASP B 307 -9.67 -1.46 -18.04
N TYR B 308 -10.31 -2.56 -17.67
CA TYR B 308 -9.63 -3.84 -17.51
C TYR B 308 -10.20 -4.84 -18.50
N GLU B 309 -9.31 -5.68 -19.05
CA GLU B 309 -9.69 -6.76 -19.95
C GLU B 309 -10.94 -7.46 -19.44
N GLY B 310 -11.99 -7.47 -20.27
CA GLY B 310 -13.18 -8.22 -19.94
C GLY B 310 -14.24 -7.45 -19.19
N PHE B 311 -14.16 -6.12 -19.18
CA PHE B 311 -15.38 -5.38 -18.89
C PHE B 311 -16.24 -5.28 -20.13
N GLY B 312 -15.62 -4.99 -21.28
CA GLY B 312 -16.28 -5.08 -22.56
C GLY B 312 -16.67 -3.75 -23.18
N GLU B 313 -17.23 -2.86 -22.37
CA GLU B 313 -17.75 -1.59 -22.85
C GLU B 313 -16.69 -0.51 -22.76
N GLU B 314 -16.87 0.56 -23.53
CA GLU B 314 -16.03 1.71 -23.27
C GLU B 314 -16.48 2.37 -21.97
N SER B 315 -15.58 3.16 -21.40
CA SER B 315 -15.79 3.75 -20.10
C SER B 315 -15.01 5.05 -20.04
N TRP B 316 -15.16 5.79 -18.95
CA TRP B 316 -14.41 7.02 -18.76
C TRP B 316 -13.01 6.67 -18.30
N THR B 317 -12.01 7.25 -18.95
CA THR B 317 -10.65 6.81 -18.75
C THR B 317 -9.75 8.00 -18.47
N VAL B 318 -8.54 7.70 -17.97
CA VAL B 318 -7.62 8.77 -17.65
C VAL B 318 -7.32 9.59 -18.91
N ALA B 319 -7.30 8.95 -20.08
CA ALA B 319 -7.13 9.69 -21.34
C ALA B 319 -8.29 10.66 -21.57
N ASP B 320 -9.51 10.26 -21.23
CA ASP B 320 -10.64 11.17 -21.36
C ASP B 320 -10.48 12.35 -20.42
N SER B 321 -10.09 12.08 -19.17
CA SER B 321 -9.88 13.14 -18.20
C SER B 321 -8.83 14.13 -18.69
N ALA B 322 -7.76 13.62 -19.31
CA ALA B 322 -6.71 14.51 -19.79
C ALA B 322 -7.19 15.39 -20.94
N ARG B 323 -7.93 14.81 -21.89
CA ARG B 323 -8.51 15.62 -22.95
C ARG B 323 -9.45 16.68 -22.39
N LEU B 324 -10.25 16.34 -21.37
CA LEU B 324 -11.15 17.32 -20.76
C LEU B 324 -10.37 18.43 -20.06
N ALA B 325 -9.36 18.06 -19.27
CA ALA B 325 -8.48 19.07 -18.69
C ALA B 325 -8.00 20.05 -19.75
N GLY B 326 -7.52 19.54 -20.88
CA GLY B 326 -7.03 20.42 -21.92
C GLY B 326 -8.07 21.43 -22.36
N ILE B 327 -9.32 20.97 -22.51
CA ILE B 327 -10.41 21.86 -22.90
C ILE B 327 -10.70 22.89 -21.81
N LEU B 328 -10.80 22.41 -20.56
CA LEU B 328 -11.18 23.27 -19.43
C LEU B 328 -10.16 24.37 -19.18
N ALA B 329 -8.88 24.13 -19.48
CA ALA B 329 -7.85 25.13 -19.20
C ALA B 329 -8.15 26.45 -19.93
N ASP B 330 -8.88 26.37 -21.03
CA ASP B 330 -9.23 27.54 -21.82
C ASP B 330 -10.60 28.11 -21.49
N ARG B 331 -11.38 27.44 -20.66
CA ARG B 331 -12.73 27.89 -20.31
C ARG B 331 -12.78 28.57 -18.95
N GLY B 332 -11.63 28.80 -18.31
CA GLY B 332 -11.61 29.52 -17.06
C GLY B 332 -11.57 28.67 -15.80
N VAL B 333 -11.24 27.39 -15.95
CA VAL B 333 -11.02 26.49 -14.77
C VAL B 333 -9.53 26.58 -14.43
N ASP B 334 -9.22 26.91 -13.19
CA ASP B 334 -7.81 27.14 -12.77
C ASP B 334 -7.14 25.87 -12.24
N LEU B 335 -7.90 24.98 -11.62
CA LEU B 335 -7.28 23.79 -10.98
C LEU B 335 -8.13 22.54 -11.17
N MET B 336 -7.48 21.44 -11.46
CA MET B 336 -8.17 20.15 -11.56
C MET B 336 -7.86 19.32 -10.31
N ASP B 337 -8.85 19.07 -9.48
CA ASP B 337 -8.70 18.21 -8.27
C ASP B 337 -8.95 16.79 -8.78
N VAL B 338 -7.94 15.94 -8.70
CA VAL B 338 -8.02 14.63 -9.37
C VAL B 338 -8.36 13.54 -8.36
N SER B 339 -9.55 12.96 -8.51
CA SER B 339 -9.97 11.79 -7.73
C SER B 339 -10.24 10.65 -8.71
N SER B 340 -11.07 9.68 -8.33
CA SER B 340 -11.37 8.59 -9.23
C SER B 340 -12.51 7.74 -8.68
N GLY B 341 -13.15 6.98 -9.59
CA GLY B 341 -14.00 5.86 -9.20
C GLY B 341 -15.41 6.23 -8.77
N ALA B 342 -16.13 5.19 -8.35
CA ALA B 342 -17.43 5.29 -7.69
C ALA B 342 -18.58 5.53 -8.64
N ASN B 343 -18.42 5.25 -9.94
CA ASN B 343 -19.49 5.44 -10.90
C ASN B 343 -20.13 4.14 -11.36
N HIS B 344 -19.51 3.00 -11.07
CA HIS B 344 -20.02 1.72 -11.53
C HIS B 344 -19.67 0.68 -10.47
N PRO B 345 -20.60 -0.20 -10.10
CA PRO B 345 -20.31 -1.15 -9.03
C PRO B 345 -19.26 -2.20 -9.38
N ARG B 346 -18.92 -2.37 -10.65
CA ARG B 346 -17.91 -3.35 -11.05
C ARG B 346 -16.54 -2.72 -11.27
N GLN B 347 -16.27 -1.59 -10.64
CA GLN B 347 -14.95 -0.98 -10.71
C GLN B 347 -13.91 -1.86 -10.03
N LYS B 348 -12.67 -1.78 -10.50
CA LYS B 348 -11.55 -2.55 -9.96
C LYS B 348 -10.45 -1.59 -9.54
N ILE B 349 -10.35 -1.28 -8.25
CA ILE B 349 -9.53 -0.17 -7.76
C ILE B 349 -8.34 -0.71 -7.00
N THR B 350 -7.15 -0.24 -7.38
CA THR B 350 -5.91 -0.62 -6.69
C THR B 350 -5.56 0.49 -5.71
N ALA B 351 -5.95 0.30 -4.45
CA ALA B 351 -5.71 1.27 -3.38
C ALA B 351 -4.23 1.26 -2.94
N GLY B 352 -3.93 2.07 -1.92
CA GLY B 352 -2.57 2.25 -1.44
C GLY B 352 -2.17 3.71 -1.42
N LEU B 353 -1.03 3.95 -0.77
CA LEU B 353 -0.57 5.32 -0.56
C LEU B 353 -0.38 6.04 -1.89
N GLY B 354 -1.05 7.17 -2.05
CA GLY B 354 -0.95 7.95 -3.28
C GLY B 354 -1.47 7.27 -4.54
N TYR B 355 -2.44 6.35 -4.42
CA TYR B 355 -2.82 5.55 -5.59
C TYR B 355 -3.47 6.35 -6.70
N GLN B 356 -3.90 7.57 -6.44
CA GLN B 356 -4.55 8.41 -7.49
C GLN B 356 -3.52 9.41 -8.05
N ALA B 357 -2.36 9.55 -7.40
CA ALA B 357 -1.38 10.51 -7.90
C ALA B 357 -0.87 10.19 -9.30
N PRO B 358 -0.73 8.93 -9.72
CA PRO B 358 -0.30 8.67 -11.10
C PRO B 358 -1.27 9.21 -12.13
N PHE B 359 -2.58 9.15 -11.86
CA PHE B 359 -3.55 9.79 -12.73
C PHE B 359 -3.32 11.30 -12.80
N ALA B 360 -3.07 11.93 -11.66
CA ALA B 360 -2.86 13.37 -11.67
C ALA B 360 -1.62 13.73 -12.47
N LYS B 361 -0.57 12.92 -12.36
CA LYS B 361 0.68 13.21 -13.07
C LYS B 361 0.53 13.02 -14.57
N GLU B 362 -0.30 12.05 -15.00
CA GLU B 362 -0.60 11.89 -16.41
C GLU B 362 -1.36 13.09 -16.95
N ILE B 363 -2.38 13.56 -16.22
CA ILE B 363 -3.12 14.74 -16.62
C ILE B 363 -2.20 15.95 -16.69
N LYS B 364 -1.33 16.10 -15.68
CA LYS B 364 -0.40 17.26 -15.61
C LYS B 364 0.57 17.23 -16.80
N ARG B 365 0.91 16.04 -17.27
CA ARG B 365 1.88 16.00 -18.36
C ARG B 365 1.28 16.47 -19.68
N VAL B 366 -0.02 16.30 -19.91
CA VAL B 366 -0.60 16.77 -21.17
C VAL B 366 -0.99 18.25 -21.08
N VAL B 367 -1.30 18.73 -19.88
CA VAL B 367 -1.81 20.12 -19.75
C VAL B 367 -0.65 21.04 -19.39
N GLY B 368 0.48 20.46 -18.99
CA GLY B 368 1.66 21.24 -18.61
C GLY B 368 1.27 22.38 -17.71
N GLU B 369 1.66 23.58 -18.11
CA GLU B 369 1.38 24.74 -17.26
C GLU B 369 0.10 25.47 -17.68
N ARG B 370 -0.72 24.89 -18.57
CA ARG B 370 -1.93 25.67 -18.82
C ARG B 370 -2.92 25.55 -17.66
N MET B 371 -2.65 24.68 -16.68
CA MET B 371 -3.60 24.44 -15.61
C MET B 371 -2.90 23.82 -14.41
N LEU B 372 -3.22 24.31 -13.22
CA LEU B 372 -2.80 23.67 -11.99
C LEU B 372 -3.54 22.34 -11.80
N VAL B 373 -2.83 21.36 -11.22
CA VAL B 373 -3.39 20.01 -10.95
C VAL B 373 -3.09 19.63 -9.50
N GLY B 374 -4.10 19.16 -8.76
CA GLY B 374 -3.90 18.76 -7.39
C GLY B 374 -4.23 17.29 -7.24
N THR B 375 -3.52 16.62 -6.35
CA THR B 375 -3.70 15.19 -6.16
C THR B 375 -4.32 14.94 -4.78
N VAL B 376 -5.14 13.88 -4.69
CA VAL B 376 -5.72 13.46 -3.43
C VAL B 376 -5.74 11.93 -3.35
N GLY B 377 -5.64 11.41 -2.13
CA GLY B 377 -5.88 10.00 -1.87
C GLY B 377 -4.75 9.30 -1.13
N MET B 378 -4.95 9.03 0.16
CA MET B 378 -3.96 8.30 0.95
C MET B 378 -2.56 8.92 0.84
N ILE B 379 -2.52 10.24 0.95
CA ILE B 379 -1.24 10.95 1.06
C ILE B 379 -0.94 11.02 2.55
N GLY B 380 -0.23 10.02 3.06
CA GLY B 380 -0.12 9.80 4.48
C GLY B 380 1.10 10.36 5.20
N SER B 381 1.81 11.35 4.67
CA SER B 381 2.89 11.94 5.45
C SER B 381 3.39 13.19 4.74
N GLY B 382 4.13 14.01 5.49
CA GLY B 382 4.70 15.22 4.91
C GLY B 382 5.74 14.92 3.85
N ARG B 383 6.59 13.92 4.09
CA ARG B 383 7.62 13.59 3.12
C ARG B 383 7.02 13.09 1.82
N GLN B 384 5.97 12.27 1.90
CA GLN B 384 5.32 11.82 0.67
C GLN B 384 4.66 12.97 -0.06
N ALA B 385 4.09 13.93 0.69
CA ALA B 385 3.47 15.09 0.05
C ALA B 385 4.51 15.93 -0.65
N GLU B 386 5.64 16.19 0.01
CA GLU B 386 6.71 16.94 -0.64
C GLU B 386 7.20 16.22 -1.90
N GLY B 387 7.16 14.89 -1.92
CA GLY B 387 7.55 14.16 -3.12
C GLY B 387 6.62 14.39 -4.28
N LEU B 388 5.31 14.17 -4.06
CA LEU B 388 4.33 14.40 -5.13
C LEU B 388 4.48 15.77 -5.77
N LEU B 389 4.65 16.81 -4.95
CA LEU B 389 4.71 18.16 -5.50
C LEU B 389 6.01 18.41 -6.25
N SER B 390 7.11 17.78 -5.80
CA SER B 390 8.47 18.06 -6.35
C SER B 390 8.90 17.10 -7.47
N GLY B 391 8.16 16.01 -7.67
CA GLY B 391 8.46 15.06 -8.74
C GLY B 391 9.44 14.01 -8.29
N MET B 392 9.64 13.91 -6.99
CA MET B 392 10.60 12.93 -6.45
C MET B 392 9.85 11.80 -5.75
N GLY B 393 10.45 10.62 -5.71
CA GLY B 393 9.85 9.50 -4.99
C GLY B 393 8.95 8.65 -5.86
N GLY B 394 8.88 8.98 -7.14
CA GLY B 394 8.05 8.18 -8.03
C GLY B 394 6.65 8.70 -8.18
N GLU B 395 5.80 7.95 -8.86
CA GLU B 395 4.44 8.42 -9.19
C GLU B 395 3.53 8.48 -7.96
N ARG B 396 3.86 7.76 -6.90
CA ARG B 396 3.02 7.75 -5.68
C ARG B 396 3.80 8.47 -4.57
N GLY B 397 5.03 8.89 -4.85
CA GLY B 397 5.85 9.67 -3.90
C GLY B 397 6.36 8.85 -2.73
N VAL B 398 6.30 7.53 -2.81
CA VAL B 398 6.67 6.68 -1.65
C VAL B 398 8.04 6.01 -1.86
N ASP B 399 8.44 5.71 -3.09
CA ASP B 399 9.73 5.01 -3.28
C ASP B 399 10.90 5.98 -2.99
N GLU B 400 12.00 5.47 -2.44
CA GLU B 400 13.11 6.39 -2.06
C GLU B 400 14.41 5.97 -2.74
N GLY B 401 14.98 6.85 -3.56
CA GLY B 401 16.21 6.52 -4.30
C GLY B 401 16.02 6.65 -5.79
N LYS B 407 12.63 11.91 -15.86
CA LYS B 407 12.86 12.56 -14.54
C LYS B 407 11.59 12.42 -13.68
N GLY B 408 10.99 13.51 -13.23
CA GLY B 408 9.74 13.42 -12.46
C GLY B 408 8.77 14.54 -12.80
N THR B 409 7.47 14.29 -12.67
CA THR B 409 6.44 15.30 -12.98
C THR B 409 6.02 16.04 -11.71
N GLU B 410 6.11 17.37 -11.76
CA GLU B 410 5.78 18.17 -10.55
C GLU B 410 4.27 18.37 -10.46
N LEU B 411 3.71 18.37 -9.25
CA LEU B 411 2.27 18.66 -9.07
C LEU B 411 2.15 19.99 -8.34
N ASP B 412 0.95 20.54 -8.28
CA ASP B 412 0.80 21.88 -7.75
C ASP B 412 0.25 21.93 -6.34
N LEU B 413 -0.54 20.95 -5.93
CA LEU B 413 -1.28 21.09 -4.68
C LEU B 413 -1.60 19.70 -4.12
N VAL B 414 -1.54 19.57 -2.81
CA VAL B 414 -1.82 18.32 -2.12
C VAL B 414 -3.15 18.45 -1.36
N ILE B 415 -3.98 17.43 -1.48
CA ILE B 415 -5.33 17.45 -0.92
C ILE B 415 -5.48 16.27 0.03
N VAL B 416 -5.91 16.56 1.27
CA VAL B 416 -6.00 15.55 2.31
C VAL B 416 -7.37 15.60 2.96
N ALA B 417 -7.93 14.42 3.24
CA ALA B 417 -9.23 14.32 3.88
C ALA B 417 -9.15 13.58 5.20
N ARG B 418 -8.99 12.25 5.21
CA ARG B 418 -9.07 11.52 6.47
C ARG B 418 -7.95 11.90 7.43
N GLY B 419 -6.76 12.26 6.91
CA GLY B 419 -5.69 12.71 7.79
C GLY B 419 -6.12 13.85 8.69
N PHE B 420 -6.99 14.73 8.20
CA PHE B 420 -7.43 15.88 8.98
C PHE B 420 -8.47 15.50 10.03
N GLN B 421 -9.32 14.51 9.73
CA GLN B 421 -10.28 14.05 10.72
C GLN B 421 -9.58 13.42 11.91
N LYS B 422 -8.53 12.65 11.63
CA LYS B 422 -7.75 12.02 12.67
C LYS B 422 -6.94 13.05 13.45
N ASN B 423 -6.36 14.03 12.75
CA ASN B 423 -5.55 15.05 13.39
C ASN B 423 -5.78 16.42 12.77
N PRO B 424 -6.69 17.21 13.33
CA PRO B 424 -6.89 18.57 12.82
C PRO B 424 -5.61 19.40 12.74
N GLY B 425 -4.57 19.04 13.49
CA GLY B 425 -3.30 19.76 13.47
C GLY B 425 -2.30 19.20 12.47
N LEU B 426 -2.82 18.52 11.43
CA LEU B 426 -1.99 17.86 10.43
C LEU B 426 -0.95 18.80 9.82
N VAL B 427 -1.33 20.04 9.49
CA VAL B 427 -0.38 20.96 8.86
C VAL B 427 0.83 21.20 9.76
N TRP B 428 0.58 21.45 11.05
CA TRP B 428 1.68 21.62 11.99
C TRP B 428 2.51 20.35 12.09
N GLU B 429 1.84 19.20 12.09
CA GLU B 429 2.56 17.93 12.20
C GLU B 429 3.47 17.71 10.99
N TRP B 430 3.02 18.08 9.79
CA TRP B 430 3.84 17.88 8.59
C TRP B 430 4.97 18.90 8.53
N ALA B 431 4.69 20.14 8.89
CA ALA B 431 5.75 21.14 9.00
C ALA B 431 6.89 20.62 9.88
N GLU B 432 6.57 20.20 11.11
CA GLU B 432 7.58 19.65 12.02
C GLU B 432 8.34 18.49 11.40
N GLU B 433 7.64 17.61 10.68
CA GLU B 433 8.27 16.46 10.05
C GLU B 433 9.28 16.88 8.98
N LEU B 434 8.99 17.96 8.24
CA LEU B 434 9.87 18.44 7.19
C LEU B 434 10.81 19.55 7.67
N GLY B 435 10.81 19.86 8.97
CA GLY B 435 11.71 20.85 9.51
C GLY B 435 11.38 22.29 9.17
N VAL B 436 10.13 22.62 8.89
CA VAL B 436 9.73 23.97 8.49
C VAL B 436 9.13 24.68 9.69
N ARG B 437 9.69 25.84 10.03
CA ARG B 437 9.13 26.68 11.08
C ARG B 437 7.94 27.45 10.52
N ILE B 438 6.75 27.18 11.04
CA ILE B 438 5.53 27.81 10.53
C ILE B 438 4.89 28.64 11.64
N MET B 439 4.08 29.60 11.21
CA MET B 439 3.17 30.27 12.12
C MET B 439 2.04 29.32 12.53
N VAL B 440 1.64 29.40 13.80
CA VAL B 440 0.40 28.80 14.27
C VAL B 440 -0.39 29.89 14.99
N ALA B 441 -1.64 29.58 15.32
CA ALA B 441 -2.49 30.58 15.96
C ALA B 441 -1.85 31.06 17.25
N HIS B 442 -1.97 32.33 17.58
CA HIS B 442 -1.34 32.89 18.81
C HIS B 442 -1.78 32.10 20.05
N GLN B 443 -3.01 31.59 20.04
CA GLN B 443 -3.53 30.91 21.22
C GLN B 443 -2.88 29.55 21.44
N MET B 444 -2.32 28.96 20.40
CA MET B 444 -1.68 27.65 20.47
C MET B 444 -0.17 27.71 20.57
N ARG B 445 0.45 28.86 20.31
CA ARG B 445 1.90 28.89 20.11
C ARG B 445 2.65 29.18 21.40
N TRP B 446 2.20 30.16 22.17
CA TRP B 446 2.98 30.63 23.33
C TRP B 446 3.26 29.51 24.33
N GLY B 447 2.51 28.40 24.30
CA GLY B 447 2.80 27.26 25.15
C GLY B 447 3.56 26.13 24.46
N1 FMN C . 14.49 -14.57 0.08
C2 FMN C . 14.94 -15.82 0.13
O2 FMN C . 14.17 -16.76 0.12
N3 FMN C . 16.26 -16.10 0.13
C4 FMN C . 17.21 -15.12 0.11
O4 FMN C . 18.39 -15.43 0.14
C4A FMN C . 16.78 -13.80 0.09
N5 FMN C . 17.67 -12.85 0.09
C5A FMN C . 17.22 -11.56 0.13
C6 FMN C . 18.16 -10.51 0.17
C7 FMN C . 17.77 -9.20 0.24
C7M FMN C . 18.81 -8.11 0.30
C8 FMN C . 16.40 -8.88 0.23
C8M FMN C . 15.95 -7.45 0.28
C9 FMN C . 15.47 -9.89 0.15
C9A FMN C . 15.84 -11.24 0.12
N10 FMN C . 14.93 -12.28 0.06
C10 FMN C . 15.36 -13.59 0.08
C1' FMN C . 13.49 -11.98 0.12
C2' FMN C . 13.12 -11.68 1.54
O2' FMN C . 13.51 -12.75 2.31
C3' FMN C . 11.64 -11.38 1.81
O3' FMN C . 10.88 -12.52 1.55
C4' FMN C . 11.18 -10.18 0.99
O4' FMN C . 12.20 -9.18 1.07
C5' FMN C . 9.89 -9.60 1.49
O5' FMN C . 9.99 -9.48 2.92
P FMN C . 10.17 -8.03 3.56
O1P FMN C . 10.03 -8.27 5.01
O2P FMN C . 11.53 -7.53 3.21
O3P FMN C . 9.09 -7.20 2.99
C FMT D . 16.36 -15.10 -3.07
O1 FMT D . 15.33 -15.71 -2.76
O2 FMT D . 16.29 -13.99 -3.62
H FMT D . 17.35 -15.50 -2.85
N1 FMN E . -15.09 13.95 -1.73
C2 FMN E . -15.81 14.94 -2.37
O2 FMN E . -15.48 15.27 -3.51
N3 FMN E . -16.89 15.55 -1.77
C4 FMN E . -17.25 15.15 -0.51
O4 FMN E . -18.20 15.69 0.04
C4A FMN E . -16.54 14.16 0.16
N5 FMN E . -16.92 13.80 1.42
C5A FMN E . -16.21 12.84 2.08
C6 FMN E . -16.59 12.49 3.38
C7 FMN E . -15.89 11.53 4.06
C7M FMN E . -16.30 11.15 5.46
C8 FMN E . -14.79 10.91 3.47
C8M FMN E . -14.02 9.86 4.21
C9 FMN E . -14.40 11.26 2.18
C9A FMN E . -15.11 12.22 1.49
N10 FMN E . -14.74 12.57 0.20
C10 FMN E . -15.45 13.55 -0.46
C1' FMN E . -13.53 11.94 -0.45
C2' FMN E . -12.32 12.68 0.12
O2' FMN E . -12.39 14.06 -0.14
C3' FMN E . -10.98 12.15 -0.39
O3' FMN E . -10.88 12.46 -1.76
C4' FMN E . -10.86 10.65 -0.14
O4' FMN E . -11.20 10.38 1.20
C5' FMN E . -9.43 10.20 -0.32
O5' FMN E . -8.59 11.11 0.34
P FMN E . -7.91 10.78 1.78
O1P FMN E . -8.99 10.57 2.81
O2P FMN E . -7.06 9.56 1.63
O3P FMN E . -7.06 11.95 2.20
C FMT F . -18.37 12.78 -2.32
O1 FMT F . -18.22 11.79 -1.60
O2 FMT F . -17.82 12.86 -3.41
H FMT F . -19.15 13.49 -2.03
#